data_2A1O
#
_entry.id   2A1O
#
_cell.length_a   67.260
_cell.length_b   62.180
_cell.length_c   95.220
_cell.angle_alpha   90.00
_cell.angle_beta   90.53
_cell.angle_gamma   90.00
#
_symmetry.space_group_name_H-M   'P 1 21 1'
#
loop_
_entity.id
_entity.type
_entity.pdbx_description
1 polymer 'Cytochrome P450-cam'
2 non-polymer 'POTASSIUM ION'
3 non-polymer 'PROTOPORPHYRIN IX CONTAINING FE'
4 non-polymer 'OXYGEN MOLECULE'
5 non-polymer CAMPHOR
6 non-polymer 2-AMINO-2-HYDROXYMETHYL-PROPANE-1,3-DIOL
7 water water
#
_entity_poly.entity_id   1
_entity_poly.type   'polypeptide(L)'
_entity_poly.pdbx_seq_one_letter_code
;MTTETIQSNANLAPLPPHVPEHLVFDFDMYNPSNLSAGVQEAWAVLQESNVPDLVWTRCNGGHWIATRGQLIREAYEDYR
HFSSECPFIPREAGEAYDFIPTSMDPPEQRQFRALANQVVGMPVVDKLENRIQELACSLIESLRPQGQCNFTEDYAEPFP
IRIFMLLAGLPEEDIPHLKYLTDQMTRPDGSMTFAEAKEALYDYLIPIIEQRRQKPGTDAISIVANGQVNGRPITSDEAK
RMCGLLLVGGLDAVVNFLSFSMEFLAKSPEHRQELIERPERIPAACEELLRRFSLVADGRILTSDYEFHGVQLKKGDQIL
LPQMLSGLDERENAAPMHVDFSRQKVSHTTFGHGSHLCLGQHLARREIIVTLKEWLTRIPDFSIAPGAQIQHKSGIVSGV
QALPLVWDPATTKAV
;
_entity_poly.pdbx_strand_id   A,B
#
loop_
_chem_comp.id
_chem_comp.type
_chem_comp.name
_chem_comp.formula
CAM non-polymer CAMPHOR 'C10 H16 O'
HEM non-polymer 'PROTOPORPHYRIN IX CONTAINING FE' 'C34 H32 Fe N4 O4'
K non-polymer 'POTASSIUM ION' 'K 1'
OXY non-polymer 'OXYGEN MOLECULE' O2
TRS non-polymer 2-AMINO-2-HYDROXYMETHYL-PROPANE-1,3-DIOL 'C4 H12 N O3 1'
#
# COMPACT_ATOMS: atom_id res chain seq x y z
N ASN A 11 -9.33 -14.42 -6.08
CA ASN A 11 -8.78 -14.39 -4.69
C ASN A 11 -7.34 -13.88 -4.71
N LEU A 12 -6.67 -13.97 -3.56
CA LEU A 12 -5.30 -13.49 -3.43
C LEU A 12 -4.29 -14.65 -3.36
N ALA A 13 -3.26 -14.59 -4.20
CA ALA A 13 -2.23 -15.61 -4.20
C ALA A 13 -1.27 -15.33 -3.06
N PRO A 14 -0.78 -16.37 -2.38
CA PRO A 14 0.16 -16.21 -1.26
C PRO A 14 1.35 -15.34 -1.69
N LEU A 15 1.70 -14.36 -0.84
CA LEU A 15 2.81 -13.48 -1.14
C LEU A 15 4.14 -14.24 -1.21
N PRO A 16 4.85 -14.14 -2.35
CA PRO A 16 6.13 -14.86 -2.46
C PRO A 16 7.12 -14.35 -1.42
N PRO A 17 8.01 -15.22 -0.93
CA PRO A 17 9.01 -14.83 0.07
C PRO A 17 9.87 -13.60 -0.26
N HIS A 18 10.16 -13.37 -1.54
CA HIS A 18 11.00 -12.23 -1.89
C HIS A 18 10.31 -10.87 -2.02
N VAL A 19 8.98 -10.86 -2.02
CA VAL A 19 8.23 -9.60 -2.18
C VAL A 19 7.96 -8.90 -0.84
N PRO A 20 8.51 -7.69 -0.64
CA PRO A 20 8.29 -6.96 0.62
C PRO A 20 6.81 -6.77 0.97
N GLU A 21 6.46 -7.05 2.22
CA GLU A 21 5.07 -6.92 2.66
C GLU A 21 4.53 -5.51 2.47
N HIS A 22 5.37 -4.50 2.67
CA HIS A 22 4.91 -3.11 2.55
C HIS A 22 4.65 -2.64 1.12
N LEU A 23 5.06 -3.43 0.12
CA LEU A 23 4.83 -3.04 -1.26
C LEU A 23 3.57 -3.67 -1.85
N VAL A 24 2.84 -4.40 -1.02
CA VAL A 24 1.62 -5.05 -1.48
C VAL A 24 0.45 -4.07 -1.64
N PHE A 25 -0.16 -4.12 -2.81
CA PHE A 25 -1.32 -3.28 -3.14
C PHE A 25 -2.12 -4.18 -4.06
N ASP A 26 -3.17 -4.77 -3.52
CA ASP A 26 -3.99 -5.73 -4.26
C ASP A 26 -4.93 -5.17 -5.31
N PHE A 27 -4.34 -4.59 -6.35
CA PHE A 27 -5.09 -4.03 -7.47
C PHE A 27 -5.48 -5.17 -8.41
N ASP A 28 -6.73 -5.18 -8.87
CA ASP A 28 -7.22 -6.21 -9.79
C ASP A 28 -7.45 -5.54 -11.15
N MET A 29 -6.54 -5.78 -12.10
CA MET A 29 -6.65 -5.16 -13.40
C MET A 29 -7.89 -5.55 -14.22
N TYR A 30 -8.57 -6.61 -13.81
CA TYR A 30 -9.76 -7.04 -14.52
C TYR A 30 -11.05 -6.63 -13.82
N ASN A 31 -10.91 -6.05 -12.63
CA ASN A 31 -12.05 -5.60 -11.84
C ASN A 31 -11.56 -4.65 -10.76
N PRO A 32 -11.03 -3.48 -11.15
CA PRO A 32 -10.55 -2.50 -10.17
C PRO A 32 -11.65 -1.99 -9.25
N SER A 33 -11.33 -1.87 -7.96
CA SER A 33 -12.30 -1.42 -6.96
C SER A 33 -13.02 -0.10 -7.24
N ASN A 34 -12.33 0.86 -7.84
CA ASN A 34 -12.96 2.16 -8.10
C ASN A 34 -13.50 2.30 -9.52
N LEU A 35 -13.82 1.17 -10.15
CA LEU A 35 -14.33 1.16 -11.52
C LEU A 35 -15.52 2.06 -11.81
N SER A 36 -16.45 2.17 -10.86
CA SER A 36 -17.63 3.00 -11.05
C SER A 36 -17.35 4.49 -11.29
N ALA A 37 -16.14 4.94 -10.94
CA ALA A 37 -15.79 6.34 -11.13
C ALA A 37 -15.18 6.62 -12.49
N GLY A 38 -15.03 5.55 -13.29
CA GLY A 38 -14.42 5.66 -14.60
C GLY A 38 -13.22 4.74 -14.53
N VAL A 39 -12.91 4.03 -15.61
CA VAL A 39 -11.78 3.11 -15.56
C VAL A 39 -10.42 3.79 -15.40
N GLN A 40 -10.21 4.92 -16.06
CA GLN A 40 -8.93 5.62 -15.92
C GLN A 40 -8.80 6.07 -14.47
N GLU A 41 -9.90 6.55 -13.89
CA GLU A 41 -9.90 6.98 -12.49
C GLU A 41 -9.61 5.80 -11.58
N ALA A 42 -10.11 4.63 -11.95
CA ALA A 42 -9.89 3.42 -11.16
C ALA A 42 -8.40 3.05 -11.14
N TRP A 43 -7.74 3.15 -12.29
CA TRP A 43 -6.32 2.82 -12.34
C TRP A 43 -5.48 3.89 -11.66
N ALA A 44 -5.96 5.13 -11.69
CA ALA A 44 -5.25 6.24 -11.08
C ALA A 44 -5.12 6.13 -9.58
N VAL A 45 -5.86 5.20 -8.96
CA VAL A 45 -5.75 5.02 -7.51
C VAL A 45 -4.33 4.56 -7.20
N LEU A 46 -3.66 4.01 -8.21
CA LEU A 46 -2.28 3.53 -8.06
C LEU A 46 -1.30 4.69 -7.98
N GLN A 47 -1.80 5.90 -8.19
CA GLN A 47 -0.96 7.09 -8.15
C GLN A 47 -1.33 8.03 -7.02
N GLU A 48 -2.07 7.52 -6.03
CA GLU A 48 -2.46 8.32 -4.88
C GLU A 48 -1.23 8.53 -3.99
N SER A 49 -1.27 9.57 -3.16
CA SER A 49 -0.17 9.97 -2.30
C SER A 49 0.77 8.97 -1.61
N ASN A 50 0.24 7.92 -1.00
CA ASN A 50 1.11 6.99 -0.29
C ASN A 50 1.40 5.67 -1.00
N VAL A 51 1.20 5.64 -2.31
CA VAL A 51 1.44 4.43 -3.09
C VAL A 51 2.83 4.50 -3.73
N PRO A 52 3.65 3.46 -3.54
CA PRO A 52 5.01 3.37 -4.08
C PRO A 52 5.03 3.36 -5.61
N ASP A 53 6.21 3.62 -6.17
CA ASP A 53 6.41 3.62 -7.63
C ASP A 53 6.25 2.22 -8.21
N LEU A 54 6.49 1.22 -7.37
CA LEU A 54 6.41 -0.17 -7.80
C LEU A 54 5.76 -0.96 -6.68
N VAL A 55 4.64 -1.61 -6.98
CA VAL A 55 3.92 -2.39 -5.99
C VAL A 55 3.71 -3.82 -6.48
N TRP A 56 3.28 -4.68 -5.56
CA TRP A 56 2.98 -6.06 -5.91
C TRP A 56 1.52 -6.32 -5.58
N THR A 57 0.79 -6.90 -6.53
CA THR A 57 -0.61 -7.23 -6.26
C THR A 57 -0.72 -8.75 -6.17
N ARG A 58 -1.52 -9.23 -5.23
CA ARG A 58 -1.70 -10.67 -5.08
C ARG A 58 -2.83 -11.17 -5.97
N CYS A 59 -3.48 -10.26 -6.69
CA CYS A 59 -4.56 -10.63 -7.59
C CYS A 59 -4.03 -11.26 -8.88
N ASN A 60 -4.91 -12.00 -9.54
CA ASN A 60 -4.59 -12.62 -10.81
C ASN A 60 -3.27 -13.40 -10.85
N GLY A 61 -3.01 -14.14 -9.77
CA GLY A 61 -1.81 -14.94 -9.69
C GLY A 61 -0.62 -14.28 -9.03
N GLY A 62 -0.66 -12.96 -8.91
CA GLY A 62 0.43 -12.23 -8.30
C GLY A 62 1.40 -11.65 -9.31
N HIS A 63 1.61 -10.33 -9.24
CA HIS A 63 2.51 -9.68 -10.17
C HIS A 63 2.84 -8.26 -9.75
N TRP A 64 3.95 -7.73 -10.29
CA TRP A 64 4.35 -6.36 -9.99
C TRP A 64 3.55 -5.41 -10.87
N ILE A 65 3.48 -4.16 -10.46
CA ILE A 65 2.82 -3.12 -11.24
C ILE A 65 3.66 -1.85 -11.11
N ALA A 66 4.13 -1.31 -12.22
CA ALA A 66 4.88 -0.05 -12.17
C ALA A 66 3.78 1.00 -12.25
N THR A 67 3.79 1.95 -11.32
CA THR A 67 2.73 2.94 -11.28
C THR A 67 3.02 4.33 -11.83
N ARG A 68 4.27 4.58 -12.20
CA ARG A 68 4.67 5.89 -12.69
C ARG A 68 5.33 5.82 -14.06
N GLY A 69 5.10 6.85 -14.86
CA GLY A 69 5.66 6.92 -16.21
C GLY A 69 7.16 6.68 -16.27
N GLN A 70 7.89 7.18 -15.29
CA GLN A 70 9.34 7.00 -15.30
C GLN A 70 9.73 5.53 -15.34
N LEU A 71 9.13 4.72 -14.47
CA LEU A 71 9.46 3.29 -14.44
C LEU A 71 8.87 2.54 -15.63
N ILE A 72 7.67 2.93 -16.03
CA ILE A 72 7.01 2.28 -17.16
C ILE A 72 7.87 2.44 -18.41
N ARG A 73 8.32 3.65 -18.67
CA ARG A 73 9.17 3.92 -19.83
C ARG A 73 10.50 3.19 -19.73
N GLU A 74 11.15 3.25 -18.57
CA GLU A 74 12.42 2.56 -18.40
C GLU A 74 12.33 1.06 -18.65
N ALA A 75 11.29 0.43 -18.10
CA ALA A 75 11.12 -1.01 -18.28
C ALA A 75 10.85 -1.39 -19.74
N TYR A 76 10.04 -0.60 -20.44
CA TYR A 76 9.75 -0.87 -21.83
C TYR A 76 10.99 -0.70 -22.71
N GLU A 77 11.94 0.11 -22.25
CA GLU A 77 13.17 0.32 -23.00
C GLU A 77 14.20 -0.78 -22.74
N ASP A 78 14.12 -1.43 -21.59
CA ASP A 78 15.05 -2.49 -21.23
C ASP A 78 14.47 -3.87 -21.53
N TYR A 79 14.49 -4.26 -22.79
CA TYR A 79 13.96 -5.56 -23.20
C TYR A 79 14.82 -6.73 -22.76
N ARG A 80 16.05 -6.47 -22.36
CA ARG A 80 16.91 -7.57 -21.92
C ARG A 80 16.51 -8.07 -20.55
N HIS A 81 15.97 -7.19 -19.71
CA HIS A 81 15.51 -7.58 -18.38
C HIS A 81 14.01 -7.83 -18.37
N PHE A 82 13.28 -7.03 -19.15
CA PHE A 82 11.82 -7.12 -19.22
C PHE A 82 11.41 -7.61 -20.59
N SER A 83 11.24 -8.93 -20.70
CA SER A 83 10.90 -9.59 -21.95
C SER A 83 9.42 -9.65 -22.31
N SER A 84 9.16 -9.58 -23.62
CA SER A 84 7.79 -9.64 -24.15
C SER A 84 7.34 -11.09 -24.37
N GLU A 85 8.19 -12.05 -24.01
CA GLU A 85 7.81 -13.44 -24.21
C GLU A 85 6.51 -13.81 -23.52
N CYS A 86 6.27 -13.28 -22.32
CA CYS A 86 5.06 -13.56 -21.54
C CYS A 86 4.56 -12.16 -21.19
N PRO A 87 3.82 -11.51 -22.11
CA PRO A 87 3.31 -10.15 -21.91
C PRO A 87 1.96 -9.91 -21.28
N PHE A 88 1.20 -10.97 -21.06
CA PHE A 88 -0.13 -10.83 -20.46
C PHE A 88 -0.21 -11.45 -19.08
N ILE A 89 -1.13 -10.89 -18.29
CA ILE A 89 -1.45 -11.39 -16.96
C ILE A 89 -2.88 -11.86 -17.20
N PRO A 90 -3.28 -13.02 -16.64
CA PRO A 90 -2.55 -13.98 -15.79
C PRO A 90 -1.46 -14.73 -16.53
N ARG A 91 -0.59 -15.38 -15.78
CA ARG A 91 0.51 -16.12 -16.36
C ARG A 91 0.11 -17.11 -17.45
N GLU A 92 -1.00 -17.82 -17.25
CA GLU A 92 -1.47 -18.79 -18.24
C GLU A 92 -1.72 -18.14 -19.59
N ALA A 93 -2.26 -16.93 -19.57
CA ALA A 93 -2.53 -16.22 -20.80
C ALA A 93 -1.20 -15.78 -21.41
N GLY A 94 -0.33 -15.21 -20.58
CA GLY A 94 0.96 -14.76 -21.06
C GLY A 94 1.78 -15.89 -21.66
N GLU A 95 1.68 -17.09 -21.09
CA GLU A 95 2.43 -18.22 -21.60
C GLU A 95 1.87 -18.73 -22.93
N ALA A 96 0.55 -18.66 -23.09
CA ALA A 96 -0.06 -19.10 -24.35
C ALA A 96 0.12 -18.05 -25.45
N TYR A 97 0.34 -16.81 -25.05
CA TYR A 97 0.50 -15.71 -25.99
C TYR A 97 1.71 -15.86 -26.90
N ASP A 98 1.50 -16.11 -28.20
CA ASP A 98 2.65 -16.27 -29.09
C ASP A 98 2.51 -15.44 -30.35
N PHE A 99 1.70 -14.38 -30.28
CA PHE A 99 1.49 -13.51 -31.43
C PHE A 99 2.81 -12.90 -31.88
N ILE A 100 2.91 -12.66 -33.18
CA ILE A 100 4.10 -12.07 -33.78
C ILE A 100 3.69 -10.69 -34.31
N PRO A 101 4.54 -9.67 -34.09
CA PRO A 101 5.85 -9.69 -33.43
C PRO A 101 5.87 -9.39 -31.93
N THR A 102 4.70 -9.18 -31.36
CA THR A 102 4.59 -8.79 -29.96
C THR A 102 5.14 -9.71 -28.88
N SER A 103 5.21 -11.01 -29.13
CA SER A 103 5.76 -11.93 -28.12
C SER A 103 7.28 -12.07 -28.25
N MET A 104 7.88 -11.34 -29.19
CA MET A 104 9.31 -11.40 -29.42
C MET A 104 10.04 -10.14 -28.96
N ASP A 105 11.30 -10.31 -28.56
CA ASP A 105 12.12 -9.17 -28.13
C ASP A 105 13.15 -8.93 -29.22
N PRO A 106 13.73 -7.72 -29.25
CA PRO A 106 14.75 -7.49 -30.28
C PRO A 106 15.86 -8.43 -29.75
N PRO A 107 16.74 -8.92 -30.61
CA PRO A 107 16.81 -8.67 -32.05
C PRO A 107 15.85 -9.47 -32.93
N GLU A 108 15.37 -10.62 -32.43
CA GLU A 108 14.48 -11.49 -33.21
C GLU A 108 13.20 -10.82 -33.72
N GLN A 109 12.67 -9.89 -32.93
CA GLN A 109 11.44 -9.19 -33.26
C GLN A 109 11.44 -8.39 -34.55
N ARG A 110 12.57 -7.73 -34.82
CA ARG A 110 12.68 -6.82 -35.95
C ARG A 110 12.27 -7.25 -37.34
N GLN A 111 12.74 -8.42 -37.80
CA GLN A 111 12.38 -8.86 -39.15
C GLN A 111 10.88 -9.02 -39.33
N PHE A 112 10.19 -9.42 -38.28
CA PHE A 112 8.75 -9.59 -38.37
C PHE A 112 8.02 -8.26 -38.24
N ARG A 113 8.51 -7.41 -37.34
CA ARG A 113 7.89 -6.11 -37.17
C ARG A 113 7.94 -5.32 -38.47
N ALA A 114 9.04 -5.43 -39.21
CA ALA A 114 9.16 -4.72 -40.49
C ALA A 114 8.06 -5.13 -41.46
N LEU A 115 7.78 -6.43 -41.56
CA LEU A 115 6.73 -6.90 -42.45
C LEU A 115 5.36 -6.41 -41.99
N ALA A 116 5.11 -6.46 -40.68
CA ALA A 116 3.83 -6.00 -40.13
C ALA A 116 3.64 -4.52 -40.40
N ASN A 117 4.71 -3.74 -40.26
CA ASN A 117 4.62 -2.30 -40.48
C ASN A 117 4.25 -2.01 -41.94
N GLN A 118 4.69 -2.88 -42.85
CA GLN A 118 4.38 -2.67 -44.26
C GLN A 118 2.91 -2.88 -44.60
N VAL A 119 2.19 -3.65 -43.79
CA VAL A 119 0.77 -3.90 -44.06
C VAL A 119 -0.20 -2.94 -43.37
N VAL A 120 0.24 -2.27 -42.30
CA VAL A 120 -0.64 -1.33 -41.60
C VAL A 120 -0.03 0.06 -41.41
N GLY A 121 1.15 0.28 -41.95
CA GLY A 121 1.85 1.54 -41.81
C GLY A 121 1.27 2.76 -42.52
N MET A 122 1.93 3.89 -42.36
CA MET A 122 1.49 5.14 -42.95
C MET A 122 1.17 5.05 -44.45
N PRO A 123 2.04 4.42 -45.25
CA PRO A 123 1.72 4.34 -46.68
C PRO A 123 0.35 3.71 -46.93
N VAL A 124 -0.03 2.75 -46.09
CA VAL A 124 -1.31 2.08 -46.22
C VAL A 124 -2.47 2.96 -45.76
N VAL A 125 -2.26 3.71 -44.67
CA VAL A 125 -3.33 4.60 -44.17
C VAL A 125 -3.63 5.67 -45.20
N ASP A 126 -2.60 6.19 -45.85
CA ASP A 126 -2.77 7.22 -46.88
C ASP A 126 -3.74 6.70 -47.94
N LYS A 127 -3.56 5.44 -48.32
CA LYS A 127 -4.40 4.80 -49.32
C LYS A 127 -5.83 4.58 -48.87
N LEU A 128 -6.03 4.38 -47.57
CA LEU A 128 -7.36 4.15 -47.02
C LEU A 128 -8.10 5.44 -46.72
N GLU A 129 -7.41 6.56 -46.83
CA GLU A 129 -7.99 7.89 -46.56
C GLU A 129 -9.43 8.08 -47.01
N ASN A 130 -9.65 8.11 -48.32
CA ASN A 130 -10.98 8.30 -48.87
C ASN A 130 -12.02 7.33 -48.33
N ARG A 131 -11.66 6.06 -48.23
CA ARG A 131 -12.59 5.05 -47.73
C ARG A 131 -12.93 5.25 -46.26
N ILE A 132 -11.96 5.69 -45.47
CA ILE A 132 -12.20 5.93 -44.04
C ILE A 132 -13.15 7.12 -43.95
N GLN A 133 -12.86 8.14 -44.76
CA GLN A 133 -13.65 9.35 -44.83
C GLN A 133 -15.08 9.06 -45.22
N GLU A 134 -15.26 8.30 -46.29
CA GLU A 134 -16.58 7.96 -46.79
C GLU A 134 -17.42 7.15 -45.81
N LEU A 135 -16.81 6.17 -45.15
CA LEU A 135 -17.53 5.34 -44.20
C LEU A 135 -17.99 6.14 -42.99
N ALA A 136 -17.12 7.00 -42.49
CA ALA A 136 -17.45 7.82 -41.33
C ALA A 136 -18.67 8.68 -41.66
N CYS A 137 -18.62 9.32 -42.83
CA CYS A 137 -19.71 10.19 -43.26
C CYS A 137 -21.04 9.46 -43.48
N SER A 138 -20.98 8.26 -44.08
CA SER A 138 -22.21 7.52 -44.34
C SER A 138 -22.90 7.08 -43.05
N LEU A 139 -22.12 6.57 -42.11
CA LEU A 139 -22.65 6.11 -40.84
C LEU A 139 -23.28 7.24 -40.03
N ILE A 140 -22.60 8.38 -39.99
CA ILE A 140 -23.09 9.52 -39.23
C ILE A 140 -24.34 10.14 -39.85
N GLU A 141 -24.36 10.26 -41.18
CA GLU A 141 -25.51 10.83 -41.87
C GLU A 141 -26.76 9.97 -41.65
N SER A 142 -26.59 8.65 -41.56
CA SER A 142 -27.72 7.77 -41.34
C SER A 142 -28.25 7.86 -39.91
N LEU A 143 -27.37 8.23 -38.98
CA LEU A 143 -27.75 8.36 -37.58
C LEU A 143 -28.38 9.73 -37.30
N ARG A 144 -27.81 10.76 -37.92
CA ARG A 144 -28.23 12.14 -37.74
C ARG A 144 -29.73 12.39 -37.57
N PRO A 145 -30.55 12.05 -38.57
CA PRO A 145 -32.00 12.28 -38.44
C PRO A 145 -32.70 11.49 -37.34
N GLN A 146 -32.10 10.40 -36.88
CA GLN A 146 -32.69 9.57 -35.86
C GLN A 146 -32.72 10.19 -34.47
N GLY A 147 -31.81 11.13 -34.22
CA GLY A 147 -31.77 11.80 -32.93
C GLY A 147 -31.33 10.93 -31.76
N GLN A 148 -30.71 9.79 -32.05
CA GLN A 148 -30.24 8.90 -31.00
C GLN A 148 -29.44 7.74 -31.57
N CYS A 149 -28.67 7.09 -30.71
CA CYS A 149 -27.87 5.96 -31.14
C CYS A 149 -27.22 5.27 -29.95
N ASN A 150 -26.78 4.04 -30.17
CA ASN A 150 -26.06 3.27 -29.17
C ASN A 150 -24.68 3.36 -29.80
N PHE A 151 -23.94 4.39 -29.42
CA PHE A 151 -22.63 4.65 -30.01
C PHE A 151 -21.67 3.48 -30.17
N THR A 152 -21.54 2.64 -29.16
CA THR A 152 -20.61 1.52 -29.25
C THR A 152 -20.95 0.58 -30.41
N GLU A 153 -22.23 0.25 -30.55
CA GLU A 153 -22.65 -0.66 -31.61
C GLU A 153 -22.92 0.02 -32.94
N ASP A 154 -23.35 1.28 -32.90
CA ASP A 154 -23.68 2.00 -34.14
C ASP A 154 -22.55 2.77 -34.81
N TYR A 155 -21.44 3.00 -34.12
CA TYR A 155 -20.33 3.71 -34.74
C TYR A 155 -18.95 3.21 -34.31
N ALA A 156 -18.70 3.24 -33.01
CA ALA A 156 -17.40 2.82 -32.47
C ALA A 156 -16.94 1.49 -33.04
N GLU A 157 -17.86 0.53 -33.14
CA GLU A 157 -17.51 -0.78 -33.66
C GLU A 157 -17.50 -0.86 -35.19
N PRO A 158 -18.62 -0.54 -35.87
CA PRO A 158 -18.60 -0.61 -37.33
C PRO A 158 -17.59 0.23 -38.10
N PHE A 159 -17.33 1.45 -37.65
CA PHE A 159 -16.39 2.31 -38.37
C PHE A 159 -14.97 1.74 -38.46
N PRO A 160 -14.27 1.57 -37.33
CA PRO A 160 -12.92 1.03 -37.46
C PRO A 160 -12.84 -0.44 -37.87
N ILE A 161 -13.78 -1.26 -37.40
CA ILE A 161 -13.74 -2.69 -37.74
C ILE A 161 -13.98 -2.94 -39.23
N ARG A 162 -14.95 -2.23 -39.83
CA ARG A 162 -15.21 -2.42 -41.25
C ARG A 162 -13.99 -2.00 -42.06
N ILE A 163 -13.30 -0.95 -41.61
CA ILE A 163 -12.11 -0.51 -42.32
C ILE A 163 -11.04 -1.58 -42.23
N PHE A 164 -10.86 -2.16 -41.04
CA PHE A 164 -9.84 -3.20 -40.90
C PHE A 164 -10.20 -4.44 -41.72
N MET A 165 -11.46 -4.84 -41.70
CA MET A 165 -11.87 -6.02 -42.45
C MET A 165 -11.68 -5.78 -43.95
N LEU A 166 -11.83 -4.53 -44.37
CA LEU A 166 -11.63 -4.15 -45.76
C LEU A 166 -10.15 -4.36 -46.08
N LEU A 167 -9.30 -3.83 -45.19
CA LEU A 167 -7.86 -3.95 -45.35
C LEU A 167 -7.43 -5.42 -45.40
N ALA A 168 -8.03 -6.23 -44.52
CA ALA A 168 -7.70 -7.65 -44.44
C ALA A 168 -8.46 -8.51 -45.45
N GLY A 169 -9.39 -7.90 -46.18
CA GLY A 169 -10.15 -8.64 -47.17
C GLY A 169 -11.00 -9.75 -46.57
N LEU A 170 -11.54 -9.50 -45.38
CA LEU A 170 -12.39 -10.48 -44.70
C LEU A 170 -13.85 -10.05 -44.71
N PRO A 171 -14.78 -11.02 -44.84
CA PRO A 171 -16.20 -10.69 -44.86
C PRO A 171 -16.70 -10.08 -43.55
N GLU A 172 -17.48 -9.00 -43.67
CA GLU A 172 -18.00 -8.33 -42.50
C GLU A 172 -18.88 -9.24 -41.65
N GLU A 173 -19.51 -10.22 -42.27
CA GLU A 173 -20.37 -11.13 -41.50
C GLU A 173 -19.56 -11.96 -40.52
N ASP A 174 -18.23 -11.91 -40.62
CA ASP A 174 -17.36 -12.65 -39.71
C ASP A 174 -17.04 -11.86 -38.45
N ILE A 175 -17.41 -10.58 -38.44
CA ILE A 175 -17.10 -9.72 -37.29
C ILE A 175 -17.65 -10.21 -35.95
N PRO A 176 -18.92 -10.63 -35.89
CA PRO A 176 -19.43 -11.08 -34.59
C PRO A 176 -18.59 -12.15 -33.91
N HIS A 177 -18.15 -13.14 -34.69
CA HIS A 177 -17.33 -14.21 -34.15
C HIS A 177 -15.94 -13.70 -33.74
N LEU A 178 -15.29 -12.95 -34.63
CA LEU A 178 -13.97 -12.42 -34.36
C LEU A 178 -13.96 -11.47 -33.16
N LYS A 179 -14.96 -10.61 -33.08
CA LYS A 179 -15.07 -9.66 -31.97
C LYS A 179 -15.30 -10.37 -30.64
N TYR A 180 -16.04 -11.48 -30.67
CA TYR A 180 -16.26 -12.23 -29.43
C TYR A 180 -14.92 -12.78 -28.96
N LEU A 181 -14.13 -13.30 -29.89
CA LEU A 181 -12.82 -13.86 -29.56
C LEU A 181 -11.83 -12.83 -29.04
N THR A 182 -11.74 -11.69 -29.72
CA THR A 182 -10.81 -10.65 -29.27
C THR A 182 -11.23 -10.14 -27.89
N ASP A 183 -12.55 -10.02 -27.66
CA ASP A 183 -13.07 -9.57 -26.38
C ASP A 183 -12.59 -10.49 -25.26
N GLN A 184 -12.49 -11.79 -25.55
CA GLN A 184 -12.06 -12.73 -24.51
C GLN A 184 -10.57 -12.66 -24.21
N MET A 185 -9.80 -12.06 -25.11
CA MET A 185 -8.36 -11.94 -24.91
C MET A 185 -8.00 -10.67 -24.14
N THR A 186 -8.88 -9.67 -24.19
CA THR A 186 -8.63 -8.40 -23.53
C THR A 186 -9.47 -8.15 -22.28
N ARG A 187 -10.74 -8.54 -22.33
CA ARG A 187 -11.67 -8.37 -21.21
C ARG A 187 -12.53 -9.63 -21.09
N PRO A 188 -11.91 -10.77 -20.76
CA PRO A 188 -12.65 -12.03 -20.64
C PRO A 188 -13.85 -12.04 -19.71
N ASP A 189 -14.96 -12.61 -20.18
CA ASP A 189 -16.17 -12.69 -19.37
C ASP A 189 -16.24 -14.04 -18.66
N GLY A 190 -15.25 -14.89 -18.91
CA GLY A 190 -15.21 -16.19 -18.27
C GLY A 190 -15.55 -17.37 -19.16
N SER A 191 -16.17 -17.10 -20.31
CA SER A 191 -16.55 -18.17 -21.22
C SER A 191 -15.39 -18.85 -21.92
N MET A 192 -14.27 -18.13 -22.05
CA MET A 192 -13.08 -18.67 -22.69
C MET A 192 -11.80 -18.20 -22.05
N THR A 193 -10.79 -19.06 -22.02
CA THR A 193 -9.50 -18.68 -21.48
C THR A 193 -8.82 -18.00 -22.65
N PHE A 194 -7.73 -17.28 -22.40
CA PHE A 194 -7.01 -16.63 -23.49
C PHE A 194 -6.59 -17.68 -24.51
N ALA A 195 -6.04 -18.80 -24.02
CA ALA A 195 -5.59 -19.88 -24.88
C ALA A 195 -6.70 -20.40 -25.78
N GLU A 196 -7.91 -20.57 -25.24
CA GLU A 196 -9.01 -21.05 -26.06
C GLU A 196 -9.41 -20.04 -27.12
N ALA A 197 -9.39 -18.76 -26.76
CA ALA A 197 -9.75 -17.72 -27.72
C ALA A 197 -8.69 -17.63 -28.83
N LYS A 198 -7.42 -17.75 -28.46
CA LYS A 198 -6.34 -17.68 -29.44
C LYS A 198 -6.45 -18.84 -30.41
N GLU A 199 -6.69 -20.04 -29.87
CA GLU A 199 -6.82 -21.23 -30.71
C GLU A 199 -7.96 -21.07 -31.71
N ALA A 200 -9.06 -20.46 -31.28
CA ALA A 200 -10.19 -20.25 -32.17
C ALA A 200 -9.85 -19.22 -33.26
N LEU A 201 -9.09 -18.19 -32.90
CA LEU A 201 -8.70 -17.18 -33.87
C LEU A 201 -7.77 -17.80 -34.92
N TYR A 202 -6.84 -18.63 -34.45
CA TYR A 202 -5.91 -19.30 -35.36
C TYR A 202 -6.68 -20.27 -36.25
N ASP A 203 -7.63 -20.99 -35.67
CA ASP A 203 -8.42 -21.95 -36.45
C ASP A 203 -9.18 -21.23 -37.57
N TYR A 204 -9.60 -20.00 -37.31
CA TYR A 204 -10.32 -19.20 -38.30
C TYR A 204 -9.36 -18.84 -39.45
N LEU A 205 -8.15 -18.46 -39.09
CA LEU A 205 -7.14 -18.04 -40.06
C LEU A 205 -6.48 -19.09 -40.92
N ILE A 206 -6.23 -20.28 -40.36
CA ILE A 206 -5.53 -21.32 -41.09
C ILE A 206 -5.97 -21.53 -42.55
N PRO A 207 -7.25 -21.82 -42.80
CA PRO A 207 -7.63 -22.02 -44.22
C PRO A 207 -7.57 -20.77 -45.09
N ILE A 208 -7.76 -19.59 -44.48
CA ILE A 208 -7.71 -18.35 -45.23
C ILE A 208 -6.28 -18.07 -45.68
N ILE A 209 -5.32 -18.32 -44.78
CA ILE A 209 -3.91 -18.11 -45.10
C ILE A 209 -3.45 -19.07 -46.19
N GLU A 210 -3.92 -20.31 -46.13
CA GLU A 210 -3.56 -21.31 -47.12
C GLU A 210 -4.13 -20.93 -48.49
N GLN A 211 -5.37 -20.43 -48.48
CA GLN A 211 -6.04 -20.02 -49.71
C GLN A 211 -5.35 -18.84 -50.38
N ARG A 212 -4.87 -17.90 -49.59
CA ARG A 212 -4.23 -16.72 -50.14
C ARG A 212 -2.76 -16.88 -50.49
N ARG A 213 -2.15 -17.98 -50.05
CA ARG A 213 -0.76 -18.26 -50.39
C ARG A 213 -0.77 -18.94 -51.76
N GLN A 214 -1.91 -19.53 -52.10
CA GLN A 214 -2.08 -20.21 -53.38
C GLN A 214 -2.60 -19.21 -54.42
N LYS A 215 -3.51 -18.35 -53.99
CA LYS A 215 -4.09 -17.33 -54.87
C LYS A 215 -4.00 -15.97 -54.16
N PRO A 216 -2.80 -15.36 -54.16
CA PRO A 216 -2.50 -14.07 -53.55
C PRO A 216 -3.37 -12.89 -54.00
N GLY A 217 -3.85 -12.12 -53.02
CA GLY A 217 -4.65 -10.94 -53.31
C GLY A 217 -3.83 -9.72 -52.96
N THR A 218 -4.50 -8.58 -52.77
CA THR A 218 -3.79 -7.34 -52.44
C THR A 218 -4.11 -6.92 -51.01
N ASP A 219 -4.87 -7.76 -50.31
CA ASP A 219 -5.26 -7.52 -48.93
C ASP A 219 -4.11 -7.78 -47.97
N ALA A 220 -4.26 -7.33 -46.73
CA ALA A 220 -3.23 -7.48 -45.71
C ALA A 220 -2.83 -8.93 -45.41
N ILE A 221 -3.80 -9.84 -45.39
CA ILE A 221 -3.50 -11.24 -45.10
C ILE A 221 -2.64 -11.83 -46.22
N SER A 222 -2.97 -11.51 -47.46
CA SER A 222 -2.21 -12.01 -48.59
C SER A 222 -0.79 -11.47 -48.55
N ILE A 223 -0.66 -10.19 -48.20
CA ILE A 223 0.65 -9.57 -48.13
C ILE A 223 1.51 -10.23 -47.07
N VAL A 224 0.92 -10.53 -45.92
CA VAL A 224 1.66 -11.18 -44.85
C VAL A 224 1.99 -12.62 -45.21
N ALA A 225 0.98 -13.37 -45.65
CA ALA A 225 1.13 -14.78 -45.97
C ALA A 225 2.11 -15.09 -47.11
N ASN A 226 2.28 -14.14 -48.02
CA ASN A 226 3.20 -14.32 -49.14
C ASN A 226 4.41 -13.41 -49.00
N GLY A 227 4.60 -12.87 -47.80
CA GLY A 227 5.71 -11.97 -47.56
C GLY A 227 7.02 -12.63 -47.20
N GLN A 228 8.04 -11.80 -47.05
CA GLN A 228 9.36 -12.28 -46.69
C GLN A 228 9.79 -11.62 -45.39
N VAL A 229 10.63 -12.32 -44.64
CA VAL A 229 11.16 -11.77 -43.40
C VAL A 229 12.67 -11.72 -43.60
N ASN A 230 13.17 -10.50 -43.78
CA ASN A 230 14.58 -10.27 -44.02
C ASN A 230 15.14 -11.21 -45.08
N GLY A 231 14.45 -11.26 -46.21
CA GLY A 231 14.93 -12.08 -47.31
C GLY A 231 14.44 -13.50 -47.47
N ARG A 232 13.87 -14.12 -46.44
CA ARG A 232 13.40 -15.49 -46.62
C ARG A 232 11.88 -15.59 -46.47
N PRO A 233 11.27 -16.54 -47.19
CA PRO A 233 9.81 -16.72 -47.12
C PRO A 233 9.24 -16.99 -45.74
N ILE A 234 8.13 -16.32 -45.44
CA ILE A 234 7.46 -16.49 -44.16
C ILE A 234 6.74 -17.84 -44.22
N THR A 235 6.66 -18.51 -43.08
CA THR A 235 5.99 -19.81 -43.03
C THR A 235 4.51 -19.63 -42.73
N SER A 236 3.74 -20.70 -42.94
CA SER A 236 2.30 -20.64 -42.69
C SER A 236 2.03 -20.35 -41.22
N ASP A 237 2.79 -20.96 -40.32
CA ASP A 237 2.61 -20.75 -38.89
C ASP A 237 2.92 -19.31 -38.51
N GLU A 238 4.01 -18.77 -39.04
CA GLU A 238 4.39 -17.39 -38.76
C GLU A 238 3.32 -16.42 -39.25
N ALA A 239 2.81 -16.68 -40.45
CA ALA A 239 1.78 -15.81 -41.03
C ALA A 239 0.55 -15.80 -40.15
N LYS A 240 0.22 -16.97 -39.60
CA LYS A 240 -0.95 -17.11 -38.73
C LYS A 240 -0.77 -16.31 -37.45
N ARG A 241 0.39 -16.45 -36.82
CA ARG A 241 0.70 -15.75 -35.59
C ARG A 241 0.76 -14.23 -35.78
N MET A 242 1.09 -13.79 -36.99
CA MET A 242 1.14 -12.34 -37.25
C MET A 242 -0.25 -11.81 -37.58
N CYS A 243 -0.97 -12.52 -38.45
CA CYS A 243 -2.32 -12.07 -38.82
C CYS A 243 -3.25 -12.06 -37.63
N GLY A 244 -3.07 -13.00 -36.70
CA GLY A 244 -3.91 -13.04 -35.52
C GLY A 244 -3.70 -11.77 -34.71
N LEU A 245 -2.44 -11.37 -34.59
CA LEU A 245 -2.12 -10.16 -33.84
C LEU A 245 -2.72 -8.92 -34.49
N LEU A 246 -2.63 -8.85 -35.81
CA LEU A 246 -3.17 -7.69 -36.54
C LEU A 246 -4.67 -7.58 -36.29
N LEU A 247 -5.37 -8.71 -36.28
CA LEU A 247 -6.80 -8.72 -36.03
C LEU A 247 -7.14 -8.20 -34.64
N VAL A 248 -6.42 -8.66 -33.63
CA VAL A 248 -6.66 -8.21 -32.26
C VAL A 248 -6.37 -6.72 -32.14
N GLY A 249 -5.29 -6.29 -32.79
CA GLY A 249 -4.93 -4.89 -32.75
C GLY A 249 -5.93 -3.98 -33.43
N GLY A 250 -6.49 -4.45 -34.53
CA GLY A 250 -7.44 -3.61 -35.27
C GLY A 250 -8.89 -3.63 -34.84
N LEU A 251 -9.30 -4.62 -34.05
CA LEU A 251 -10.69 -4.72 -33.62
C LEU A 251 -11.05 -4.28 -32.21
N ASP A 252 -10.06 -3.91 -31.40
CA ASP A 252 -10.37 -3.57 -30.02
C ASP A 252 -10.03 -2.17 -29.51
N ALA A 253 -8.75 -1.84 -29.46
CA ALA A 253 -8.33 -0.54 -28.93
C ALA A 253 -9.00 0.71 -29.53
N VAL A 254 -8.97 0.86 -30.85
CA VAL A 254 -9.57 2.04 -31.47
C VAL A 254 -11.07 2.11 -31.19
N VAL A 255 -11.73 0.96 -31.26
CA VAL A 255 -13.16 0.87 -31.01
C VAL A 255 -13.50 1.43 -29.64
N ASN A 256 -12.80 0.96 -28.62
CA ASN A 256 -13.06 1.41 -27.28
C ASN A 256 -12.59 2.84 -27.03
N PHE A 257 -11.51 3.24 -27.69
CA PHE A 257 -11.05 4.60 -27.48
C PHE A 257 -12.04 5.60 -28.03
N LEU A 258 -12.65 5.29 -29.18
CA LEU A 258 -13.64 6.19 -29.75
C LEU A 258 -14.78 6.43 -28.76
N SER A 259 -15.19 5.37 -28.06
CA SER A 259 -16.27 5.49 -27.09
C SER A 259 -15.89 6.34 -25.88
N PHE A 260 -14.68 6.17 -25.37
CA PHE A 260 -14.26 6.97 -24.22
C PHE A 260 -14.28 8.45 -24.61
N SER A 261 -13.76 8.74 -25.80
CA SER A 261 -13.70 10.12 -26.28
C SER A 261 -15.07 10.72 -26.51
N MET A 262 -15.97 9.97 -27.12
CA MET A 262 -17.32 10.48 -27.37
C MET A 262 -18.13 10.60 -26.09
N GLU A 263 -17.86 9.74 -25.12
CA GLU A 263 -18.57 9.83 -23.85
C GLU A 263 -18.20 11.18 -23.23
N PHE A 264 -16.91 11.49 -23.26
CA PHE A 264 -16.42 12.75 -22.71
C PHE A 264 -17.01 13.95 -23.41
N LEU A 265 -17.01 13.94 -24.74
CA LEU A 265 -17.56 15.07 -25.50
C LEU A 265 -19.06 15.25 -25.23
N ALA A 266 -19.76 14.14 -25.04
CA ALA A 266 -21.19 14.19 -24.77
C ALA A 266 -21.49 14.85 -23.43
N LYS A 267 -20.56 14.72 -22.48
CA LYS A 267 -20.74 15.30 -21.16
C LYS A 267 -20.08 16.66 -20.99
N SER A 268 -19.35 17.12 -22.00
CA SER A 268 -18.69 18.41 -21.91
C SER A 268 -18.97 19.29 -23.12
N PRO A 269 -20.13 19.96 -23.13
CA PRO A 269 -20.52 20.84 -24.25
C PRO A 269 -19.48 21.91 -24.54
N GLU A 270 -18.75 22.32 -23.50
CA GLU A 270 -17.71 23.34 -23.65
C GLU A 270 -16.59 22.87 -24.58
N HIS A 271 -16.19 21.61 -24.44
CA HIS A 271 -15.12 21.08 -25.29
C HIS A 271 -15.62 20.88 -26.72
N ARG A 272 -16.88 20.49 -26.87
CA ARG A 272 -17.43 20.31 -28.20
C ARG A 272 -17.42 21.66 -28.90
N GLN A 273 -17.92 22.67 -28.19
CA GLN A 273 -17.98 24.02 -28.72
C GLN A 273 -16.60 24.52 -29.15
N GLU A 274 -15.58 24.12 -28.40
CA GLU A 274 -14.21 24.53 -28.71
C GLU A 274 -13.78 23.97 -30.06
N LEU A 275 -14.14 22.70 -30.32
CA LEU A 275 -13.79 22.07 -31.57
C LEU A 275 -14.69 22.52 -32.71
N ILE A 276 -15.90 22.93 -32.37
CA ILE A 276 -16.84 23.41 -33.38
C ILE A 276 -16.35 24.78 -33.85
N GLU A 277 -16.09 25.67 -32.92
CA GLU A 277 -15.61 27.02 -33.23
C GLU A 277 -14.21 27.02 -33.83
N ARG A 278 -13.37 26.08 -33.40
CA ARG A 278 -12.01 25.99 -33.90
C ARG A 278 -11.66 24.56 -34.28
N PRO A 279 -12.11 24.10 -35.45
CA PRO A 279 -11.86 22.75 -35.96
C PRO A 279 -10.38 22.42 -36.18
N GLU A 280 -9.55 23.44 -36.34
CA GLU A 280 -8.12 23.23 -36.56
C GLU A 280 -7.43 22.64 -35.33
N ARG A 281 -8.12 22.66 -34.19
CA ARG A 281 -7.57 22.12 -32.96
C ARG A 281 -7.86 20.64 -32.79
N ILE A 282 -8.59 20.06 -33.73
CA ILE A 282 -8.95 18.64 -33.64
C ILE A 282 -7.75 17.69 -33.50
N PRO A 283 -6.70 17.85 -34.32
CA PRO A 283 -5.55 16.95 -34.17
C PRO A 283 -4.94 17.01 -32.77
N ALA A 284 -4.78 18.23 -32.25
CA ALA A 284 -4.23 18.39 -30.91
C ALA A 284 -5.18 17.81 -29.87
N ALA A 285 -6.48 17.97 -30.11
CA ALA A 285 -7.49 17.44 -29.20
C ALA A 285 -7.38 15.91 -29.20
N CYS A 286 -7.14 15.35 -30.39
CA CYS A 286 -6.98 13.90 -30.53
C CYS A 286 -5.87 13.40 -29.62
N GLU A 287 -4.74 14.08 -29.64
CA GLU A 287 -3.61 13.67 -28.81
C GLU A 287 -3.90 13.80 -27.32
N GLU A 288 -4.57 14.89 -26.94
CA GLU A 288 -4.91 15.10 -25.53
C GLU A 288 -5.90 14.03 -25.07
N LEU A 289 -6.83 13.66 -25.96
CA LEU A 289 -7.81 12.64 -25.60
C LEU A 289 -7.10 11.29 -25.48
N LEU A 290 -6.10 11.07 -26.33
CA LEU A 290 -5.33 9.81 -26.30
C LEU A 290 -4.61 9.70 -24.97
N ARG A 291 -4.20 10.84 -24.43
CA ARG A 291 -3.51 10.86 -23.13
C ARG A 291 -4.50 10.62 -22.00
N ARG A 292 -5.55 11.44 -21.94
CA ARG A 292 -6.55 11.34 -20.88
C ARG A 292 -7.34 10.03 -20.84
N PHE A 293 -7.67 9.50 -22.02
CA PHE A 293 -8.45 8.28 -22.07
C PHE A 293 -7.67 7.08 -22.60
N SER A 294 -6.39 7.07 -22.23
CA SER A 294 -5.47 6.00 -22.57
C SER A 294 -6.17 4.73 -22.03
N LEU A 295 -5.98 3.59 -22.70
CA LEU A 295 -6.72 2.40 -22.26
C LEU A 295 -6.02 1.05 -22.29
N VAL A 296 -4.75 1.02 -22.66
CA VAL A 296 -4.04 -0.26 -22.74
C VAL A 296 -3.12 -0.53 -21.56
N ALA A 297 -3.02 -1.79 -21.17
CA ALA A 297 -2.14 -2.18 -20.09
C ALA A 297 -1.66 -3.62 -20.18
N ASP A 298 -0.51 -3.85 -20.78
CA ASP A 298 0.04 -5.21 -20.77
C ASP A 298 1.39 -5.13 -20.06
N GLY A 299 2.26 -6.11 -20.23
CA GLY A 299 3.51 -6.03 -19.51
C GLY A 299 4.63 -6.92 -20.02
N ARG A 300 5.50 -7.31 -19.10
CA ARG A 300 6.67 -8.11 -19.45
C ARG A 300 7.00 -9.14 -18.38
N ILE A 301 7.99 -9.99 -18.66
CA ILE A 301 8.40 -11.00 -17.69
C ILE A 301 9.90 -10.84 -17.45
N LEU A 302 10.33 -10.96 -16.19
CA LEU A 302 11.73 -10.82 -15.85
C LEU A 302 12.53 -11.99 -16.39
N THR A 303 13.63 -11.68 -17.08
CA THR A 303 14.48 -12.71 -17.66
C THR A 303 15.50 -13.24 -16.66
N SER A 304 15.73 -12.47 -15.61
CA SER A 304 16.68 -12.84 -14.59
C SER A 304 16.43 -12.00 -13.33
N ASP A 305 17.07 -12.37 -12.23
CA ASP A 305 16.91 -11.61 -10.99
C ASP A 305 17.48 -10.24 -11.32
N TYR A 306 16.81 -9.18 -10.88
CA TYR A 306 17.24 -7.84 -11.20
C TYR A 306 16.69 -6.83 -10.19
N GLU A 307 17.56 -5.96 -9.70
CA GLU A 307 17.14 -4.94 -8.76
C GLU A 307 16.72 -3.73 -9.60
N PHE A 308 15.48 -3.33 -9.46
CA PHE A 308 14.91 -2.22 -10.22
C PHE A 308 14.32 -1.20 -9.24
N HIS A 309 14.86 0.01 -9.25
CA HIS A 309 14.40 1.06 -8.36
C HIS A 309 14.31 0.61 -6.91
N GLY A 310 15.39 -0.03 -6.45
CA GLY A 310 15.48 -0.50 -5.08
C GLY A 310 14.65 -1.71 -4.71
N VAL A 311 14.04 -2.33 -5.72
CA VAL A 311 13.19 -3.51 -5.48
C VAL A 311 13.77 -4.75 -6.15
N GLN A 312 13.87 -5.84 -5.39
CA GLN A 312 14.41 -7.09 -5.93
C GLN A 312 13.39 -7.85 -6.76
N LEU A 313 13.59 -7.86 -8.07
CA LEU A 313 12.69 -8.59 -8.96
C LEU A 313 13.35 -9.94 -9.21
N LYS A 314 12.54 -10.99 -9.29
CA LYS A 314 13.07 -12.33 -9.50
C LYS A 314 12.75 -12.86 -10.89
N LYS A 315 13.66 -13.67 -11.43
CA LYS A 315 13.45 -14.26 -12.75
C LYS A 315 12.09 -14.93 -12.77
N GLY A 316 11.31 -14.69 -13.82
CA GLY A 316 10.00 -15.31 -13.90
C GLY A 316 8.87 -14.42 -13.39
N ASP A 317 9.19 -13.42 -12.58
CA ASP A 317 8.16 -12.52 -12.07
C ASP A 317 7.54 -11.79 -13.26
N GLN A 318 6.24 -11.53 -13.18
CA GLN A 318 5.58 -10.78 -14.22
C GLN A 318 5.44 -9.36 -13.71
N ILE A 319 5.54 -8.39 -14.61
CA ILE A 319 5.37 -7.01 -14.22
C ILE A 319 4.47 -6.30 -15.21
N LEU A 320 3.36 -5.76 -14.69
CA LEU A 320 2.41 -5.04 -15.52
C LEU A 320 2.98 -3.62 -15.62
N LEU A 321 3.07 -3.11 -16.85
CA LEU A 321 3.61 -1.77 -17.10
C LEU A 321 2.49 -1.06 -17.86
N PRO A 322 1.48 -0.56 -17.13
CA PRO A 322 0.33 0.13 -17.75
C PRO A 322 0.61 1.31 -18.65
N GLN A 323 0.47 1.11 -19.97
CA GLN A 323 0.70 2.20 -20.91
C GLN A 323 -0.22 3.36 -20.53
N MET A 324 -1.40 3.03 -20.04
CA MET A 324 -2.42 3.99 -19.61
C MET A 324 -1.94 4.98 -18.54
N LEU A 325 -1.11 4.51 -17.63
CA LEU A 325 -0.67 5.33 -16.51
C LEU A 325 0.35 6.43 -16.72
N SER A 326 1.22 6.29 -17.70
CA SER A 326 2.24 7.31 -17.92
C SER A 326 1.65 8.71 -18.09
N GLY A 327 0.66 8.82 -18.97
CA GLY A 327 0.04 10.11 -19.23
C GLY A 327 -0.85 10.66 -18.13
N LEU A 328 -1.31 9.79 -17.24
CA LEU A 328 -2.16 10.21 -16.13
C LEU A 328 -1.31 10.58 -14.90
N ASP A 329 -0.02 10.29 -14.98
CA ASP A 329 0.95 10.57 -13.92
C ASP A 329 1.14 12.07 -13.79
N GLU A 330 0.87 12.63 -12.61
CA GLU A 330 1.02 14.07 -12.42
C GLU A 330 2.48 14.50 -12.54
N ARG A 331 3.40 13.53 -12.50
CA ARG A 331 4.82 13.84 -12.65
C ARG A 331 5.15 14.03 -14.12
N GLU A 332 4.20 13.69 -14.99
CA GLU A 332 4.39 13.86 -16.43
C GLU A 332 3.50 14.99 -16.95
N ASN A 333 2.32 15.14 -16.37
CA ASN A 333 1.36 16.16 -16.78
C ASN A 333 0.62 16.76 -15.59
N ALA A 334 0.71 18.08 -15.42
CA ALA A 334 0.01 18.73 -14.33
C ALA A 334 -1.49 18.60 -14.53
N ALA A 335 -2.24 18.44 -13.44
CA ALA A 335 -3.68 18.29 -13.49
C ALA A 335 -4.01 17.29 -14.60
N PRO A 336 -3.47 16.06 -14.47
CA PRO A 336 -3.67 14.99 -15.45
C PRO A 336 -5.10 14.59 -15.82
N MET A 337 -6.02 14.68 -14.87
CA MET A 337 -7.39 14.29 -15.17
C MET A 337 -8.19 15.35 -15.92
N HIS A 338 -7.59 16.54 -16.07
CA HIS A 338 -8.23 17.62 -16.78
C HIS A 338 -7.89 17.55 -18.27
N VAL A 339 -8.90 17.70 -19.11
CA VAL A 339 -8.72 17.67 -20.55
C VAL A 339 -8.51 19.10 -21.01
N ASP A 340 -7.32 19.38 -21.53
CA ASP A 340 -6.96 20.70 -22.02
C ASP A 340 -6.44 20.55 -23.44
N PHE A 341 -7.27 20.87 -24.43
CA PHE A 341 -6.85 20.73 -25.82
C PHE A 341 -5.67 21.65 -26.16
N SER A 342 -5.37 22.58 -25.27
CA SER A 342 -4.27 23.50 -25.49
C SER A 342 -3.04 23.12 -24.68
N ARG A 343 -3.12 21.97 -23.99
CA ARG A 343 -2.01 21.50 -23.17
C ARG A 343 -0.72 21.59 -23.97
N GLN A 344 0.26 22.31 -23.42
CA GLN A 344 1.55 22.54 -24.06
C GLN A 344 2.36 21.31 -24.43
N LYS A 345 2.63 20.46 -23.44
CA LYS A 345 3.41 19.25 -23.68
C LYS A 345 2.61 18.02 -23.28
N VAL A 346 1.91 17.43 -24.25
CA VAL A 346 1.09 16.25 -23.98
C VAL A 346 1.98 15.01 -23.92
N SER A 347 2.33 14.61 -22.71
CA SER A 347 3.19 13.45 -22.49
C SER A 347 2.37 12.18 -22.25
N HIS A 348 2.68 11.11 -22.98
CA HIS A 348 1.97 9.85 -22.80
C HIS A 348 2.69 8.69 -23.47
N THR A 349 2.26 7.47 -23.14
CA THR A 349 2.78 6.25 -23.74
C THR A 349 1.55 5.43 -24.15
N THR A 350 0.53 6.13 -24.61
CA THR A 350 -0.71 5.47 -24.99
C THR A 350 -0.54 4.41 -26.06
N PHE A 351 0.36 4.66 -27.01
CA PHE A 351 0.64 3.70 -28.08
C PHE A 351 1.86 2.85 -27.73
N GLY A 352 2.18 2.77 -26.45
CA GLY A 352 3.31 1.96 -26.03
C GLY A 352 4.61 2.75 -25.95
N HIS A 353 5.71 2.02 -25.79
CA HIS A 353 7.01 2.66 -25.65
C HIS A 353 8.09 1.63 -25.97
N GLY A 354 9.16 2.09 -26.59
CA GLY A 354 10.24 1.18 -26.92
C GLY A 354 10.11 0.49 -28.26
N SER A 355 10.73 -0.68 -28.37
CA SER A 355 10.74 -1.44 -29.61
C SER A 355 9.38 -1.91 -30.13
N HIS A 356 8.37 -1.95 -29.27
CA HIS A 356 7.04 -2.42 -29.69
C HIS A 356 6.01 -1.32 -29.89
N LEU A 357 6.47 -0.08 -30.09
CA LEU A 357 5.57 1.05 -30.34
C LEU A 357 4.48 0.64 -31.34
N CYS A 358 3.23 0.94 -31.00
CA CYS A 358 2.10 0.59 -31.85
C CYS A 358 2.31 0.86 -33.35
N LEU A 359 2.14 -0.17 -34.17
CA LEU A 359 2.29 -0.03 -35.61
C LEU A 359 1.03 0.54 -36.25
N GLY A 360 -0.10 0.41 -35.56
CA GLY A 360 -1.34 0.92 -36.12
C GLY A 360 -1.73 2.30 -35.62
N GLN A 361 -0.81 2.97 -34.94
CA GLN A 361 -1.12 4.29 -34.39
C GLN A 361 -1.46 5.34 -35.44
N HIS A 362 -0.90 5.21 -36.63
CA HIS A 362 -1.18 6.18 -37.68
C HIS A 362 -2.61 5.98 -38.20
N LEU A 363 -3.02 4.73 -38.32
CA LEU A 363 -4.39 4.41 -38.75
C LEU A 363 -5.35 4.88 -37.66
N ALA A 364 -4.98 4.63 -36.41
CA ALA A 364 -5.82 5.02 -35.29
C ALA A 364 -6.02 6.53 -35.23
N ARG A 365 -4.95 7.29 -35.37
CA ARG A 365 -5.08 8.75 -35.34
C ARG A 365 -5.95 9.25 -36.48
N ARG A 366 -5.83 8.64 -37.65
CA ARG A 366 -6.64 9.06 -38.78
C ARG A 366 -8.11 8.79 -38.50
N GLU A 367 -8.40 7.61 -37.96
CA GLU A 367 -9.77 7.25 -37.63
C GLU A 367 -10.39 8.15 -36.56
N ILE A 368 -9.59 8.54 -35.57
CA ILE A 368 -10.05 9.40 -34.49
C ILE A 368 -10.33 10.81 -34.99
N ILE A 369 -9.37 11.36 -35.73
CA ILE A 369 -9.49 12.71 -36.25
C ILE A 369 -10.65 12.82 -37.23
N VAL A 370 -10.80 11.84 -38.11
CA VAL A 370 -11.89 11.84 -39.07
C VAL A 370 -13.22 11.80 -38.33
N THR A 371 -13.30 10.99 -37.29
CA THR A 371 -14.53 10.88 -36.50
C THR A 371 -14.90 12.22 -35.87
N LEU A 372 -13.94 12.83 -35.20
CA LEU A 372 -14.18 14.12 -34.55
C LEU A 372 -14.66 15.19 -35.53
N LYS A 373 -14.00 15.28 -36.68
CA LYS A 373 -14.37 16.26 -37.70
C LYS A 373 -15.74 16.01 -38.31
N GLU A 374 -15.96 14.81 -38.82
CA GLU A 374 -17.21 14.46 -39.46
C GLU A 374 -18.42 14.38 -38.54
N TRP A 375 -18.20 14.07 -37.26
CA TRP A 375 -19.31 13.98 -36.33
C TRP A 375 -19.74 15.37 -35.86
N LEU A 376 -18.78 16.18 -35.45
CA LEU A 376 -19.09 17.52 -34.96
C LEU A 376 -19.68 18.42 -36.04
N THR A 377 -19.37 18.12 -37.30
CA THR A 377 -19.88 18.91 -38.42
C THR A 377 -21.36 18.65 -38.65
N ARG A 378 -21.80 17.42 -38.38
CA ARG A 378 -23.19 17.05 -38.58
C ARG A 378 -24.03 17.02 -37.32
N ILE A 379 -23.42 16.58 -36.21
CA ILE A 379 -24.12 16.50 -34.93
C ILE A 379 -23.32 17.23 -33.86
N PRO A 380 -23.27 18.57 -33.96
CA PRO A 380 -22.55 19.42 -33.01
C PRO A 380 -23.02 19.31 -31.56
N ASP A 381 -24.32 19.14 -31.39
CA ASP A 381 -24.91 19.05 -30.06
C ASP A 381 -25.56 17.69 -29.77
N PHE A 382 -25.05 17.02 -28.75
CA PHE A 382 -25.57 15.73 -28.33
C PHE A 382 -25.22 15.50 -26.87
N SER A 383 -25.93 14.60 -26.22
CA SER A 383 -25.70 14.30 -24.80
C SER A 383 -25.93 12.82 -24.54
N ILE A 384 -25.58 12.39 -23.33
CA ILE A 384 -25.79 11.00 -22.96
C ILE A 384 -27.28 10.87 -22.64
N ALA A 385 -27.87 9.72 -22.97
CA ALA A 385 -29.28 9.50 -22.70
C ALA A 385 -29.59 9.80 -21.24
N PRO A 386 -30.69 10.51 -20.98
CA PRO A 386 -31.06 10.85 -19.61
C PRO A 386 -31.14 9.63 -18.69
N GLY A 387 -30.51 9.73 -17.52
CA GLY A 387 -30.53 8.64 -16.57
C GLY A 387 -29.48 7.56 -16.76
N ALA A 388 -28.94 7.46 -17.97
CA ALA A 388 -27.94 6.44 -18.27
C ALA A 388 -26.74 6.44 -17.33
N GLN A 389 -26.41 5.27 -16.80
CA GLN A 389 -25.29 5.10 -15.90
C GLN A 389 -24.20 4.37 -16.69
N ILE A 390 -23.38 5.12 -17.41
CA ILE A 390 -22.32 4.55 -18.23
C ILE A 390 -21.39 3.64 -17.45
N GLN A 391 -21.15 2.44 -17.98
CA GLN A 391 -20.28 1.46 -17.34
C GLN A 391 -19.03 1.17 -18.15
N HIS A 392 -17.90 1.11 -17.45
CA HIS A 392 -16.63 0.80 -18.09
C HIS A 392 -16.24 -0.62 -17.67
N LYS A 393 -15.32 -1.22 -18.43
CA LYS A 393 -14.82 -2.56 -18.15
C LYS A 393 -13.30 -2.44 -18.20
N SER A 394 -12.61 -3.15 -17.32
CA SER A 394 -11.16 -3.09 -17.26
C SER A 394 -10.51 -4.39 -17.72
N GLY A 395 -9.33 -4.27 -18.31
CA GLY A 395 -8.60 -5.45 -18.76
C GLY A 395 -7.31 -5.03 -19.46
N ILE A 396 -6.80 -5.89 -20.34
CA ILE A 396 -5.59 -5.57 -21.10
C ILE A 396 -5.90 -4.30 -21.90
N VAL A 397 -7.13 -4.22 -22.37
CA VAL A 397 -7.61 -3.04 -23.08
C VAL A 397 -8.93 -2.73 -22.39
N SER A 398 -9.05 -1.54 -21.81
CA SER A 398 -10.28 -1.19 -21.13
C SER A 398 -11.29 -0.66 -22.13
N GLY A 399 -12.57 -0.71 -21.77
CA GLY A 399 -13.58 -0.25 -22.70
C GLY A 399 -14.85 0.28 -22.09
N VAL A 400 -15.77 0.69 -22.96
CA VAL A 400 -17.07 1.23 -22.57
C VAL A 400 -18.11 0.18 -22.94
N GLN A 401 -18.91 -0.25 -21.97
CA GLN A 401 -19.93 -1.27 -22.19
C GLN A 401 -21.03 -0.82 -23.15
N ALA A 402 -21.53 0.39 -22.95
CA ALA A 402 -22.57 0.94 -23.80
C ALA A 402 -22.57 2.45 -23.67
N LEU A 403 -22.93 3.14 -24.75
CA LEU A 403 -22.96 4.60 -24.74
C LEU A 403 -24.18 5.14 -25.46
N PRO A 404 -25.33 5.20 -24.77
CA PRO A 404 -26.55 5.72 -25.41
C PRO A 404 -26.48 7.24 -25.52
N LEU A 405 -26.55 7.75 -26.75
CA LEU A 405 -26.50 9.18 -26.99
C LEU A 405 -27.83 9.66 -27.56
N VAL A 406 -28.14 10.93 -27.34
CA VAL A 406 -29.37 11.52 -27.85
C VAL A 406 -29.10 12.95 -28.33
N TRP A 407 -29.95 13.43 -29.21
CA TRP A 407 -29.80 14.78 -29.74
C TRP A 407 -31.06 15.18 -30.49
N ASP A 408 -31.24 16.49 -30.65
CA ASP A 408 -32.39 17.02 -31.35
C ASP A 408 -32.03 17.08 -32.84
N PRO A 409 -32.70 16.28 -33.68
CA PRO A 409 -32.42 16.28 -35.11
C PRO A 409 -32.43 17.69 -35.70
N ALA A 410 -33.22 18.56 -35.08
CA ALA A 410 -33.34 19.94 -35.54
C ALA A 410 -32.03 20.72 -35.41
N THR A 411 -31.16 20.29 -34.50
CA THR A 411 -29.89 20.97 -34.28
C THR A 411 -28.76 20.41 -35.14
N THR A 412 -29.06 19.40 -35.96
CA THR A 412 -28.07 18.78 -36.82
C THR A 412 -28.11 19.38 -38.22
N LYS A 413 -27.13 19.03 -39.05
CA LYS A 413 -27.07 19.52 -40.42
C LYS A 413 -26.38 18.54 -41.35
N ALA A 414 -26.92 18.40 -42.56
CA ALA A 414 -26.37 17.49 -43.55
C ALA A 414 -25.22 18.14 -44.31
N VAL A 415 -24.29 17.32 -44.79
CA VAL A 415 -23.14 17.81 -45.55
C VAL A 415 -23.19 17.29 -46.98
N ASN B 11 -1.65 -10.61 49.22
CA ASN B 11 -1.30 -10.19 50.61
C ASN B 11 0.11 -9.59 50.63
N LEU B 12 0.61 -9.30 51.83
CA LEU B 12 1.94 -8.72 51.99
C LEU B 12 2.94 -9.77 52.48
N ALA B 13 4.06 -9.88 51.78
CA ALA B 13 5.10 -10.85 52.13
C ALA B 13 5.92 -10.38 53.34
N PRO B 14 6.41 -11.32 54.14
CA PRO B 14 7.21 -11.04 55.34
C PRO B 14 8.43 -10.16 55.07
N LEU B 15 8.53 -9.06 55.81
CA LEU B 15 9.63 -8.12 55.65
C LEU B 15 10.98 -8.80 55.92
N PRO B 16 11.85 -8.88 54.90
CA PRO B 16 13.17 -9.50 55.04
C PRO B 16 13.99 -8.87 56.17
N PRO B 17 14.77 -9.68 56.88
CA PRO B 17 15.61 -9.23 58.00
C PRO B 17 16.51 -8.03 57.71
N HIS B 18 17.06 -7.95 56.50
CA HIS B 18 17.96 -6.85 56.16
C HIS B 18 17.27 -5.55 55.78
N VAL B 19 15.95 -5.57 55.63
CA VAL B 19 15.21 -4.36 55.27
C VAL B 19 14.69 -3.60 56.49
N PRO B 20 15.19 -2.37 56.70
CA PRO B 20 14.75 -1.55 57.85
C PRO B 20 13.29 -1.14 57.70
N GLU B 21 12.54 -1.25 58.80
CA GLU B 21 11.13 -0.92 58.80
C GLU B 21 10.76 0.48 58.32
N HIS B 22 11.64 1.46 58.50
CA HIS B 22 11.33 2.83 58.08
C HIS B 22 11.37 3.04 56.57
N LEU B 23 11.81 2.03 55.83
CA LEU B 23 11.87 2.13 54.37
C LEU B 23 10.73 1.36 53.70
N VAL B 24 9.78 0.90 54.50
CA VAL B 24 8.65 0.14 53.99
C VAL B 24 7.49 1.00 53.48
N PHE B 25 7.17 0.83 52.21
CA PHE B 25 6.07 1.54 51.56
C PHE B 25 5.38 0.52 50.68
N ASP B 26 4.25 -0.01 51.15
CA ASP B 26 3.50 -1.03 50.44
C ASP B 26 2.78 -0.56 49.18
N PHE B 27 3.54 -0.38 48.11
CA PHE B 27 2.98 0.06 46.83
C PHE B 27 2.73 -1.18 45.96
N ASP B 28 1.53 -1.29 45.40
CA ASP B 28 1.17 -2.41 44.53
C ASP B 28 1.23 -1.91 43.10
N MET B 29 2.27 -2.31 42.36
CA MET B 29 2.43 -1.86 40.98
C MET B 29 1.36 -2.37 40.04
N TYR B 30 0.62 -3.39 40.46
CA TYR B 30 -0.44 -3.95 39.63
C TYR B 30 -1.83 -3.46 40.01
N ASN B 31 -1.89 -2.67 41.08
CA ASN B 31 -3.18 -2.13 41.55
C ASN B 31 -2.94 -1.04 42.58
N PRO B 32 -2.33 0.09 42.16
CA PRO B 32 -2.04 1.20 43.07
C PRO B 32 -3.31 1.80 43.69
N SER B 33 -3.22 2.15 44.97
CA SER B 33 -4.35 2.70 45.71
C SER B 33 -5.01 3.94 45.11
N ASN B 34 -4.21 4.85 44.57
CA ASN B 34 -4.75 6.08 44.00
C ASN B 34 -4.96 6.01 42.49
N LEU B 35 -5.20 4.80 41.97
CA LEU B 35 -5.40 4.58 40.55
C LEU B 35 -6.54 5.41 39.95
N SER B 36 -7.56 5.70 40.76
CA SER B 36 -8.71 6.46 40.29
C SER B 36 -8.38 7.87 39.84
N ALA B 37 -7.26 8.41 40.33
CA ALA B 37 -6.86 9.77 39.96
C ALA B 37 -6.00 9.79 38.69
N GLY B 38 -5.76 8.62 38.13
CA GLY B 38 -4.92 8.49 36.94
C GLY B 38 -3.75 7.62 37.33
N VAL B 39 -3.33 6.71 36.45
CA VAL B 39 -2.22 5.83 36.79
C VAL B 39 -0.91 6.55 37.09
N GLN B 40 -0.58 7.57 36.30
CA GLN B 40 0.65 8.31 36.56
C GLN B 40 0.57 8.99 37.93
N GLU B 41 -0.61 9.50 38.26
CA GLU B 41 -0.84 10.16 39.54
C GLU B 41 -0.69 9.14 40.68
N ALA B 42 -1.17 7.92 40.43
CA ALA B 42 -1.09 6.86 41.43
C ALA B 42 0.36 6.50 41.75
N TRP B 43 1.19 6.44 40.73
CA TRP B 43 2.60 6.12 40.94
C TRP B 43 3.35 7.31 41.56
N ALA B 44 2.88 8.51 41.27
CA ALA B 44 3.50 9.73 41.77
C ALA B 44 3.49 9.86 43.30
N VAL B 45 2.62 9.10 43.96
CA VAL B 45 2.56 9.15 45.42
C VAL B 45 3.90 8.74 46.00
N LEU B 46 4.67 7.98 45.23
CA LEU B 46 5.98 7.51 45.65
C LEU B 46 6.98 8.66 45.69
N GLN B 47 6.57 9.81 45.18
CA GLN B 47 7.44 10.98 45.15
C GLN B 47 6.95 12.10 46.07
N GLU B 48 6.06 11.75 46.99
CA GLU B 48 5.56 12.73 47.94
C GLU B 48 6.64 13.03 48.96
N SER B 49 6.56 14.20 49.58
CA SER B 49 7.54 14.66 50.57
C SER B 49 8.01 13.62 51.58
N ASN B 50 7.07 12.94 52.22
CA ASN B 50 7.41 11.95 53.24
C ASN B 50 7.67 10.54 52.72
N VAL B 51 8.40 10.43 51.61
CA VAL B 51 8.72 9.14 51.03
C VAL B 51 10.19 9.09 50.63
N PRO B 52 10.94 8.11 51.16
CA PRO B 52 12.37 7.94 50.88
C PRO B 52 12.65 7.74 49.39
N ASP B 53 13.89 8.00 48.99
CA ASP B 53 14.31 7.85 47.60
C ASP B 53 14.21 6.38 47.19
N LEU B 54 14.53 5.49 48.13
CA LEU B 54 14.48 4.06 47.89
C LEU B 54 13.65 3.40 48.98
N VAL B 55 12.57 2.74 48.59
CA VAL B 55 11.69 2.07 49.53
C VAL B 55 11.50 0.59 49.22
N TRP B 56 10.94 -0.14 50.18
CA TRP B 56 10.67 -1.56 50.00
C TRP B 56 9.18 -1.81 50.16
N THR B 57 8.61 -2.53 49.20
CA THR B 57 7.20 -2.86 49.26
C THR B 57 7.06 -4.36 49.51
N ARG B 58 6.14 -4.71 50.40
CA ARG B 58 5.91 -6.11 50.73
C ARG B 58 4.90 -6.70 49.76
N CYS B 59 4.48 -5.90 48.79
CA CYS B 59 3.52 -6.34 47.78
C CYS B 59 4.21 -7.19 46.72
N ASN B 60 3.43 -8.02 46.05
CA ASN B 60 3.93 -8.87 44.97
C ASN B 60 5.23 -9.60 45.32
N GLY B 61 5.29 -10.16 46.52
CA GLY B 61 6.47 -10.90 46.93
C GLY B 61 7.55 -10.08 47.63
N GLY B 62 7.45 -8.76 47.55
CA GLY B 62 8.44 -7.91 48.18
C GLY B 62 9.57 -7.54 47.24
N HIS B 63 9.88 -6.25 47.17
CA HIS B 63 10.95 -5.77 46.30
C HIS B 63 11.19 -4.30 46.52
N TRP B 64 12.38 -3.83 46.13
CA TRP B 64 12.72 -2.42 46.28
C TRP B 64 12.09 -1.61 45.17
N ILE B 65 12.05 -0.30 45.36
CA ILE B 65 11.51 0.62 44.37
C ILE B 65 12.26 1.95 44.43
N ALA B 66 12.95 2.29 43.36
CA ALA B 66 13.66 3.57 43.32
C ALA B 66 12.57 4.56 42.92
N THR B 67 12.41 5.62 43.71
CA THR B 67 11.37 6.61 43.45
C THR B 67 11.82 7.89 42.75
N ARG B 68 13.12 8.08 42.62
CA ARG B 68 13.63 9.28 41.99
C ARG B 68 14.45 8.99 40.73
N GLY B 69 14.38 9.92 39.77
CA GLY B 69 15.11 9.76 38.52
C GLY B 69 16.60 9.53 38.69
N GLN B 70 17.17 10.15 39.72
CA GLN B 70 18.60 10.00 39.99
C GLN B 70 18.98 8.55 40.27
N LEU B 71 18.21 7.90 41.13
CA LEU B 71 18.48 6.50 41.48
C LEU B 71 18.13 5.57 40.32
N ILE B 72 17.03 5.87 39.64
CA ILE B 72 16.60 5.05 38.52
C ILE B 72 17.68 5.03 37.43
N ARG B 73 18.18 6.21 37.08
CA ARG B 73 19.22 6.34 36.06
C ARG B 73 20.52 5.63 36.45
N GLU B 74 20.99 5.86 37.67
CA GLU B 74 22.21 5.23 38.12
C GLU B 74 22.12 3.72 38.13
N ALA B 75 20.96 3.20 38.56
CA ALA B 75 20.75 1.76 38.62
C ALA B 75 20.76 1.12 37.24
N TYR B 76 20.11 1.76 36.26
CA TYR B 76 20.08 1.22 34.91
C TYR B 76 21.44 1.28 34.22
N GLU B 77 22.28 2.21 34.66
CA GLU B 77 23.62 2.37 34.09
C GLU B 77 24.58 1.32 34.64
N ASP B 78 24.40 0.97 35.91
CA ASP B 78 25.27 0.00 36.57
C ASP B 78 24.74 -1.44 36.48
N TYR B 79 24.94 -2.06 35.33
CA TYR B 79 24.48 -3.43 35.11
C TYR B 79 25.34 -4.44 35.85
N ARG B 80 26.38 -3.95 36.51
CA ARG B 80 27.28 -4.81 37.28
C ARG B 80 26.54 -5.34 38.50
N HIS B 81 25.85 -4.42 39.19
CA HIS B 81 25.10 -4.76 40.39
C HIS B 81 23.62 -5.01 40.10
N PHE B 82 23.09 -4.32 39.10
CA PHE B 82 21.68 -4.45 38.73
C PHE B 82 21.55 -5.17 37.39
N SER B 83 21.37 -6.48 37.48
CA SER B 83 21.26 -7.34 36.29
C SER B 83 19.85 -7.45 35.72
N SER B 84 19.78 -7.57 34.39
CA SER B 84 18.52 -7.70 33.67
C SER B 84 18.10 -9.17 33.60
N GLU B 85 18.87 -10.04 34.24
CA GLU B 85 18.55 -11.46 34.22
C GLU B 85 17.13 -11.69 34.73
N CYS B 86 16.75 -11.03 35.81
CA CYS B 86 15.42 -11.16 36.41
C CYS B 86 14.84 -9.75 36.45
N PRO B 87 14.29 -9.28 35.32
CA PRO B 87 13.71 -7.95 35.17
C PRO B 87 12.24 -7.71 35.54
N PHE B 88 11.49 -8.77 35.76
CA PHE B 88 10.08 -8.61 36.10
C PHE B 88 9.73 -9.00 37.52
N ILE B 89 8.65 -8.39 38.02
CA ILE B 89 8.09 -8.66 39.33
C ILE B 89 6.72 -9.17 38.95
N PRO B 90 6.22 -10.23 39.61
CA PRO B 90 6.82 -11.02 40.70
C PRO B 90 8.02 -11.85 40.27
N ARG B 91 8.74 -12.38 41.26
CA ARG B 91 9.94 -13.17 41.00
C ARG B 91 9.72 -14.32 40.02
N GLU B 92 8.60 -15.03 40.14
CA GLU B 92 8.32 -16.15 39.25
C GLU B 92 8.30 -15.71 37.79
N ALA B 93 7.79 -14.52 37.55
CA ALA B 93 7.72 -13.96 36.19
C ALA B 93 9.13 -13.56 35.77
N GLY B 94 9.83 -12.89 36.68
CA GLY B 94 11.18 -12.45 36.39
C GLY B 94 12.11 -13.62 36.14
N GLU B 95 11.88 -14.75 36.82
CA GLU B 95 12.72 -15.91 36.63
C GLU B 95 12.40 -16.67 35.33
N ALA B 96 11.15 -16.58 34.89
CA ALA B 96 10.76 -17.25 33.65
C ALA B 96 11.14 -16.40 32.44
N TYR B 97 11.23 -15.09 32.68
CA TYR B 97 11.57 -14.12 31.64
C TYR B 97 12.89 -14.40 30.93
N ASP B 98 12.85 -14.84 29.68
CA ASP B 98 14.10 -15.11 28.97
C ASP B 98 14.16 -14.45 27.60
N PHE B 99 13.36 -13.41 27.40
CA PHE B 99 13.34 -12.70 26.12
C PHE B 99 14.73 -12.14 25.79
N ILE B 100 15.02 -12.03 24.50
CA ILE B 100 16.30 -11.49 24.03
C ILE B 100 15.99 -10.20 23.27
N PRO B 101 16.81 -9.15 23.47
CA PRO B 101 17.99 -9.10 24.35
C PRO B 101 17.76 -8.59 25.78
N THR B 102 16.52 -8.32 26.15
CA THR B 102 16.23 -7.76 27.47
C THR B 102 16.68 -8.55 28.70
N SER B 103 16.70 -9.88 28.62
CA SER B 103 17.13 -10.68 29.77
C SER B 103 18.64 -10.84 29.86
N MET B 104 19.37 -10.15 28.97
CA MET B 104 20.83 -10.24 28.97
C MET B 104 21.50 -8.93 29.37
N ASP B 105 22.69 -9.04 29.98
CA ASP B 105 23.45 -7.87 30.37
C ASP B 105 24.62 -7.74 29.41
N PRO B 106 25.20 -6.53 29.29
CA PRO B 106 26.34 -6.41 28.38
C PRO B 106 27.45 -7.21 29.07
N PRO B 107 28.45 -7.69 28.33
CA PRO B 107 28.65 -7.56 26.89
C PRO B 107 27.81 -8.50 26.03
N GLU B 108 27.37 -9.61 26.61
CA GLU B 108 26.57 -10.61 25.90
C GLU B 108 25.38 -10.03 25.14
N GLN B 109 24.69 -9.08 25.76
CA GLN B 109 23.50 -8.47 25.18
C GLN B 109 23.70 -7.74 23.84
N ARG B 110 24.79 -7.00 23.73
CA ARG B 110 25.06 -6.20 22.55
C ARG B 110 24.88 -6.85 21.19
N GLN B 111 25.46 -8.03 20.99
CA GLN B 111 25.36 -8.73 19.71
C GLN B 111 23.92 -8.96 19.23
N PHE B 112 23.03 -9.36 20.13
CA PHE B 112 21.64 -9.60 19.76
C PHE B 112 20.89 -8.30 19.53
N ARG B 113 21.29 -7.27 20.27
CA ARG B 113 20.65 -5.97 20.15
C ARG B 113 20.83 -5.42 18.73
N ALA B 114 21.97 -5.72 18.11
CA ALA B 114 22.24 -5.25 16.76
C ALA B 114 21.28 -5.87 15.74
N LEU B 115 21.00 -7.16 15.90
CA LEU B 115 20.09 -7.85 14.98
C LEU B 115 18.66 -7.32 15.14
N ALA B 116 18.23 -7.14 16.38
CA ALA B 116 16.88 -6.63 16.65
C ALA B 116 16.75 -5.22 16.09
N ASN B 117 17.79 -4.43 16.27
CA ASN B 117 17.81 -3.06 15.79
C ASN B 117 17.68 -3.03 14.27
N GLN B 118 18.04 -4.14 13.63
CA GLN B 118 17.96 -4.25 12.19
C GLN B 118 16.54 -4.52 11.66
N VAL B 119 15.66 -5.01 12.52
CA VAL B 119 14.28 -5.29 12.08
C VAL B 119 13.25 -4.26 12.56
N VAL B 120 13.62 -3.41 13.52
CA VAL B 120 12.69 -2.39 13.99
C VAL B 120 13.33 -1.01 14.09
N GLY B 121 14.59 -0.91 13.67
CA GLY B 121 15.30 0.35 13.72
C GLY B 121 14.83 1.41 12.74
N MET B 122 15.51 2.55 12.73
CA MET B 122 15.16 3.66 11.86
C MET B 122 15.11 3.32 10.37
N PRO B 123 16.06 2.51 9.86
CA PRO B 123 15.98 2.19 8.44
C PRO B 123 14.67 1.50 8.08
N VAL B 124 14.14 0.71 9.01
CA VAL B 124 12.88 0.00 8.82
C VAL B 124 11.72 0.97 8.91
N VAL B 125 11.83 1.96 9.79
CA VAL B 125 10.79 2.96 9.94
C VAL B 125 10.67 3.71 8.61
N ASP B 126 11.82 4.01 8.00
CA ASP B 126 11.82 4.72 6.72
C ASP B 126 11.10 3.89 5.67
N LYS B 127 11.33 2.59 5.70
CA LYS B 127 10.73 1.66 4.76
C LYS B 127 9.20 1.58 4.92
N LEU B 128 8.73 1.64 6.17
CA LEU B 128 7.31 1.56 6.47
C LEU B 128 6.61 2.91 6.45
N GLU B 129 7.36 3.98 6.19
CA GLU B 129 6.81 5.33 6.15
C GLU B 129 5.46 5.46 5.45
N ASN B 130 5.40 5.05 4.19
CA ASN B 130 4.16 5.16 3.43
C ASN B 130 2.99 4.37 4.00
N ARG B 131 3.22 3.15 4.44
CA ARG B 131 2.14 2.33 4.98
C ARG B 131 1.63 2.88 6.32
N ILE B 132 2.54 3.44 7.12
CA ILE B 132 2.15 4.00 8.41
C ILE B 132 1.25 5.20 8.15
N GLN B 133 1.68 6.07 7.24
CA GLN B 133 0.93 7.26 6.87
C GLN B 133 -0.44 6.87 6.29
N GLU B 134 -0.43 5.89 5.39
CA GLU B 134 -1.67 5.44 4.74
C GLU B 134 -2.70 4.89 5.72
N LEU B 135 -2.26 4.03 6.63
CA LEU B 135 -3.18 3.43 7.59
C LEU B 135 -3.76 4.45 8.56
N ALA B 136 -2.94 5.38 9.04
CA ALA B 136 -3.42 6.39 9.96
C ALA B 136 -4.53 7.21 9.31
N CYS B 137 -4.29 7.67 8.09
CA CYS B 137 -5.28 8.47 7.38
C CYS B 137 -6.56 7.69 7.09
N SER B 138 -6.41 6.44 6.64
CA SER B 138 -7.56 5.62 6.33
C SER B 138 -8.44 5.37 7.55
N LEU B 139 -7.82 5.00 8.66
CA LEU B 139 -8.55 4.73 9.89
C LEU B 139 -9.31 5.97 10.38
N ILE B 140 -8.61 7.10 10.40
CA ILE B 140 -9.22 8.35 10.87
C ILE B 140 -10.33 8.85 9.96
N GLU B 141 -10.12 8.79 8.65
CA GLU B 141 -11.16 9.25 7.72
C GLU B 141 -12.42 8.39 7.86
N SER B 142 -12.24 7.11 8.15
CA SER B 142 -13.39 6.21 8.30
C SER B 142 -14.19 6.57 9.55
N LEU B 143 -13.50 7.02 10.59
CA LEU B 143 -14.16 7.37 11.85
C LEU B 143 -14.76 8.79 11.82
N ARG B 144 -14.09 9.68 11.11
CA ARG B 144 -14.48 11.08 11.02
C ARG B 144 -15.97 11.43 10.94
N PRO B 145 -16.70 10.90 9.95
CA PRO B 145 -18.14 11.21 9.84
C PRO B 145 -19.02 10.68 10.97
N GLN B 146 -18.52 9.72 11.73
CA GLN B 146 -19.28 9.12 12.82
C GLN B 146 -19.58 10.05 13.99
N GLY B 147 -18.66 10.98 14.25
CA GLY B 147 -18.85 11.91 15.35
C GLY B 147 -18.58 11.25 16.69
N GLN B 148 -18.02 10.05 16.68
CA GLN B 148 -17.71 9.34 17.90
C GLN B 148 -16.91 8.08 17.63
N CYS B 149 -16.25 7.57 18.67
CA CYS B 149 -15.49 6.35 18.56
C CYS B 149 -15.03 5.89 19.93
N ASN B 150 -14.61 4.63 19.99
CA ASN B 150 -14.06 4.05 21.20
C ASN B 150 -12.61 4.02 20.74
N PHE B 151 -11.85 5.04 21.11
CA PHE B 151 -10.47 5.18 20.66
C PHE B 151 -9.53 3.99 20.85
N THR B 152 -9.59 3.34 22.01
CA THR B 152 -8.69 2.21 22.25
C THR B 152 -8.88 1.09 21.24
N GLU B 153 -10.13 0.74 20.97
CA GLU B 153 -10.46 -0.33 20.05
C GLU B 153 -10.48 0.08 18.59
N ASP B 154 -10.87 1.32 18.32
CA ASP B 154 -10.99 1.81 16.95
C ASP B 154 -9.73 2.39 16.31
N TYR B 155 -8.75 2.77 17.12
CA TYR B 155 -7.52 3.33 16.57
C TYR B 155 -6.26 2.92 17.32
N ALA B 156 -6.24 3.14 18.63
CA ALA B 156 -5.06 2.84 19.44
C ALA B 156 -4.52 1.44 19.20
N GLU B 157 -5.43 0.47 19.10
CA GLU B 157 -5.01 -0.91 18.86
C GLU B 157 -4.73 -1.24 17.39
N PRO B 158 -5.72 -1.07 16.50
CA PRO B 158 -5.49 -1.39 15.08
C PRO B 158 -4.36 -0.69 14.32
N PHE B 159 -4.10 0.59 14.62
CA PHE B 159 -3.05 1.30 13.90
C PHE B 159 -1.65 0.72 14.15
N PRO B 160 -1.16 0.74 15.40
CA PRO B 160 0.19 0.18 15.60
C PRO B 160 0.26 -1.35 15.44
N ILE B 161 -0.79 -2.05 15.85
CA ILE B 161 -0.77 -3.50 15.76
C ILE B 161 -0.80 -3.99 14.32
N ARG B 162 -1.63 -3.41 13.47
CA ARG B 162 -1.69 -3.84 12.08
C ARG B 162 -0.39 -3.54 11.35
N ILE B 163 0.27 -2.43 11.72
CA ILE B 163 1.54 -2.10 11.10
C ILE B 163 2.58 -3.14 11.55
N PHE B 164 2.54 -3.51 12.82
CA PHE B 164 3.51 -4.48 13.29
C PHE B 164 3.26 -5.84 12.66
N MET B 165 2.01 -6.24 12.54
CA MET B 165 1.69 -7.53 11.93
C MET B 165 2.14 -7.52 10.47
N LEU B 166 2.04 -6.36 9.83
CA LEU B 166 2.47 -6.22 8.44
C LEU B 166 3.96 -6.47 8.36
N LEU B 167 4.72 -5.79 9.22
CA LEU B 167 6.17 -5.92 9.27
C LEU B 167 6.61 -7.34 9.60
N ALA B 168 5.87 -8.00 10.49
CA ALA B 168 6.20 -9.37 10.91
C ALA B 168 5.65 -10.43 9.97
N GLY B 169 4.87 -10.00 8.98
CA GLY B 169 4.30 -10.96 8.05
C GLY B 169 3.36 -11.95 8.71
N LEU B 170 2.56 -11.47 9.65
CA LEU B 170 1.62 -12.32 10.37
C LEU B 170 0.19 -11.91 10.03
N PRO B 171 -0.72 -12.89 9.92
CA PRO B 171 -2.12 -12.60 9.59
C PRO B 171 -2.84 -11.82 10.69
N GLU B 172 -3.65 -10.84 10.29
CA GLU B 172 -4.37 -10.03 11.23
C GLU B 172 -5.38 -10.82 12.07
N GLU B 173 -5.78 -11.99 11.58
CA GLU B 173 -6.73 -12.80 12.34
C GLU B 173 -6.09 -13.37 13.60
N ASP B 174 -4.76 -13.22 13.69
CA ASP B 174 -4.03 -13.72 14.86
C ASP B 174 -3.94 -12.68 15.97
N ILE B 175 -4.36 -11.45 15.67
CA ILE B 175 -4.27 -10.38 16.65
C ILE B 175 -5.00 -10.64 17.98
N PRO B 176 -6.25 -11.13 17.93
CA PRO B 176 -6.93 -11.38 19.21
C PRO B 176 -6.13 -12.29 20.13
N HIS B 177 -5.59 -13.38 19.58
CA HIS B 177 -4.82 -14.31 20.38
C HIS B 177 -3.55 -13.69 20.94
N LEU B 178 -2.75 -13.10 20.06
CA LEU B 178 -1.49 -12.48 20.48
C LEU B 178 -1.69 -11.36 21.50
N LYS B 179 -2.71 -10.52 21.29
CA LYS B 179 -2.99 -9.42 22.21
C LYS B 179 -3.38 -9.94 23.58
N TYR B 180 -4.11 -11.05 23.62
CA TYR B 180 -4.50 -11.62 24.89
C TYR B 180 -3.25 -12.02 25.66
N LEU B 181 -2.34 -12.70 24.97
CA LEU B 181 -1.10 -13.16 25.59
C LEU B 181 -0.21 -12.02 26.07
N THR B 182 -0.01 -11.00 25.23
CA THR B 182 0.83 -9.87 25.62
C THR B 182 0.21 -9.15 26.83
N ASP B 183 -1.11 -9.05 26.83
CA ASP B 183 -1.83 -8.41 27.94
C ASP B 183 -1.53 -9.13 29.26
N GLN B 184 -1.41 -10.45 29.22
CA GLN B 184 -1.15 -11.21 30.44
C GLN B 184 0.27 -11.04 30.95
N MET B 185 1.16 -10.60 30.08
CA MET B 185 2.55 -10.39 30.48
C MET B 185 2.80 -9.00 31.06
N THR B 186 1.91 -8.06 30.74
CA THR B 186 2.06 -6.70 31.24
C THR B 186 1.03 -6.29 32.29
N ARG B 187 -0.21 -6.74 32.09
CA ARG B 187 -1.31 -6.42 33.01
C ARG B 187 -2.16 -7.69 33.22
N PRO B 188 -1.56 -8.74 33.79
CA PRO B 188 -2.29 -9.99 34.03
C PRO B 188 -3.62 -9.87 34.76
N ASP B 189 -4.64 -10.53 34.24
CA ASP B 189 -5.96 -10.50 34.86
C ASP B 189 -6.14 -11.71 35.78
N GLY B 190 -5.11 -12.55 35.85
CA GLY B 190 -5.16 -13.73 36.70
C GLY B 190 -5.42 -15.05 36.00
N SER B 191 -5.85 -14.99 34.75
CA SER B 191 -6.15 -16.20 33.99
C SER B 191 -4.90 -16.94 33.55
N MET B 192 -3.77 -16.24 33.51
CA MET B 192 -2.53 -16.86 33.07
C MET B 192 -1.32 -16.25 33.77
N THR B 193 -0.35 -17.08 34.13
CA THR B 193 0.86 -16.59 34.77
C THR B 193 1.76 -16.08 33.66
N PHE B 194 2.80 -15.32 34.00
CA PHE B 194 3.71 -14.81 32.98
C PHE B 194 4.31 -15.96 32.19
N ALA B 195 4.78 -16.98 32.90
CA ALA B 195 5.40 -18.14 32.28
C ALA B 195 4.46 -18.83 31.30
N GLU B 196 3.20 -18.96 31.68
CA GLU B 196 2.22 -19.60 30.80
C GLU B 196 1.98 -18.76 29.55
N ALA B 197 1.92 -17.44 29.71
CA ALA B 197 1.69 -16.57 28.57
C ALA B 197 2.90 -16.59 27.63
N LYS B 198 4.10 -16.57 28.21
CA LYS B 198 5.31 -16.59 27.42
C LYS B 198 5.45 -17.89 26.61
N GLU B 199 5.18 -19.02 27.26
CA GLU B 199 5.28 -20.30 26.58
C GLU B 199 4.24 -20.41 25.47
N ALA B 200 3.10 -19.74 25.64
CA ALA B 200 2.06 -19.76 24.62
C ALA B 200 2.51 -18.92 23.43
N LEU B 201 3.20 -17.81 23.71
CA LEU B 201 3.69 -16.96 22.63
C LEU B 201 4.78 -17.72 21.88
N TYR B 202 5.64 -18.43 22.60
CA TYR B 202 6.70 -19.21 21.97
C TYR B 202 6.09 -20.33 21.14
N ASP B 203 5.06 -20.97 21.68
CA ASP B 203 4.39 -22.06 20.97
C ASP B 203 3.89 -21.55 19.61
N TYR B 204 3.37 -20.32 19.61
CA TYR B 204 2.86 -19.70 18.38
C TYR B 204 4.00 -19.52 17.37
N LEU B 205 5.14 -19.02 17.84
CA LEU B 205 6.30 -18.74 16.99
C LEU B 205 7.12 -19.92 16.46
N ILE B 206 7.26 -20.98 17.24
CA ILE B 206 8.07 -22.11 16.83
C ILE B 206 7.91 -22.59 15.38
N PRO B 207 6.68 -22.93 14.96
CA PRO B 207 6.52 -23.39 13.58
C PRO B 207 6.78 -22.31 12.52
N ILE B 208 6.49 -21.06 12.86
CA ILE B 208 6.69 -19.94 11.94
C ILE B 208 8.18 -19.71 11.71
N ILE B 209 8.95 -19.77 12.78
CA ILE B 209 10.39 -19.57 12.69
C ILE B 209 11.04 -20.68 11.87
N GLU B 210 10.55 -21.91 12.05
CA GLU B 210 11.09 -23.04 11.32
C GLU B 210 10.82 -22.88 9.83
N GLN B 211 9.59 -22.52 9.49
CA GLN B 211 9.20 -22.33 8.10
C GLN B 211 10.02 -21.25 7.42
N ARG B 212 10.26 -20.15 8.13
CA ARG B 212 11.00 -19.05 7.55
C ARG B 212 12.51 -19.21 7.51
N ARG B 213 13.03 -20.22 8.20
CA ARG B 213 14.45 -20.50 8.15
C ARG B 213 14.68 -21.39 6.93
N GLN B 214 13.62 -22.08 6.51
CA GLN B 214 13.69 -22.96 5.34
C GLN B 214 13.45 -22.16 4.06
N LYS B 215 12.52 -21.21 4.14
CA LYS B 215 12.18 -20.35 3.01
C LYS B 215 12.25 -18.90 3.49
N PRO B 216 13.47 -18.34 3.58
CA PRO B 216 13.69 -16.96 4.02
C PRO B 216 12.90 -15.92 3.24
N GLY B 217 12.23 -15.03 3.98
CA GLY B 217 11.45 -13.98 3.36
C GLY B 217 11.99 -12.61 3.68
N THR B 218 11.13 -11.60 3.59
CA THR B 218 11.50 -10.21 3.85
C THR B 218 10.96 -9.69 5.18
N ASP B 219 10.07 -10.47 5.79
CA ASP B 219 9.44 -10.09 7.05
C ASP B 219 10.38 -10.12 8.24
N ALA B 220 9.99 -9.42 9.31
CA ALA B 220 10.79 -9.33 10.52
C ALA B 220 11.19 -10.67 11.12
N ILE B 221 10.27 -11.63 11.14
CA ILE B 221 10.58 -12.93 11.69
C ILE B 221 11.65 -13.64 10.86
N SER B 222 11.56 -13.53 9.54
CA SER B 222 12.55 -14.16 8.65
C SER B 222 13.92 -13.53 8.84
N ILE B 223 13.95 -12.21 8.97
CA ILE B 223 15.22 -11.51 9.14
C ILE B 223 15.89 -11.92 10.45
N VAL B 224 15.10 -12.05 11.52
CA VAL B 224 15.67 -12.45 12.81
C VAL B 224 16.13 -13.91 12.75
N ALA B 225 15.22 -14.78 12.29
CA ALA B 225 15.48 -16.21 12.22
C ALA B 225 16.67 -16.62 11.35
N ASN B 226 16.95 -15.85 10.30
CA ASN B 226 18.06 -16.14 9.40
C ASN B 226 19.21 -15.19 9.61
N GLY B 227 19.16 -14.42 10.68
CA GLY B 227 20.19 -13.45 10.97
C GLY B 227 21.44 -14.00 11.63
N GLN B 228 22.40 -13.10 11.81
CA GLN B 228 23.67 -13.44 12.43
C GLN B 228 23.89 -12.60 13.68
N VAL B 229 24.55 -13.20 14.65
CA VAL B 229 24.87 -12.55 15.92
C VAL B 229 26.39 -12.35 15.89
N ASN B 230 26.83 -11.13 15.63
CA ASN B 230 28.25 -10.81 15.54
C ASN B 230 29.02 -11.85 14.72
N GLY B 231 28.58 -12.05 13.48
CA GLY B 231 29.25 -12.98 12.59
C GLY B 231 28.88 -14.45 12.63
N ARG B 232 28.02 -14.85 13.56
CA ARG B 232 27.63 -16.27 13.63
C ARG B 232 26.12 -16.44 13.58
N PRO B 233 25.65 -17.55 12.99
CA PRO B 233 24.21 -17.83 12.87
C PRO B 233 23.46 -17.89 14.19
N ILE B 234 22.28 -17.28 14.20
CA ILE B 234 21.44 -17.28 15.39
C ILE B 234 20.78 -18.66 15.45
N THR B 235 20.53 -19.15 16.66
CA THR B 235 19.89 -20.46 16.81
C THR B 235 18.38 -20.30 16.76
N SER B 236 17.66 -21.38 16.50
CA SER B 236 16.21 -21.34 16.44
C SER B 236 15.61 -20.86 17.75
N ASP B 237 16.20 -21.29 18.86
CA ASP B 237 15.70 -20.89 20.16
C ASP B 237 15.99 -19.42 20.43
N GLU B 238 17.16 -18.95 20.01
CA GLU B 238 17.51 -17.55 20.19
C GLU B 238 16.56 -16.69 19.37
N ALA B 239 16.24 -17.14 18.17
CA ALA B 239 15.34 -16.41 17.29
C ALA B 239 13.96 -16.33 17.94
N LYS B 240 13.54 -17.42 18.56
CA LYS B 240 12.24 -17.49 19.23
C LYS B 240 12.17 -16.50 20.39
N ARG B 241 13.22 -16.47 21.19
CA ARG B 241 13.27 -15.58 22.34
C ARG B 241 13.31 -14.11 21.92
N MET B 242 13.88 -13.83 20.75
CA MET B 242 13.95 -12.45 20.27
C MET B 242 12.63 -12.05 19.62
N CYS B 243 12.09 -12.92 18.78
CA CYS B 243 10.83 -12.61 18.12
C CYS B 243 9.71 -12.40 19.13
N GLY B 244 9.74 -13.18 20.21
CA GLY B 244 8.73 -13.04 21.24
C GLY B 244 8.77 -11.66 21.84
N LEU B 245 9.99 -11.17 22.12
CA LEU B 245 10.16 -9.84 22.70
C LEU B 245 9.67 -8.76 21.74
N LEU B 246 9.99 -8.91 20.46
CA LEU B 246 9.56 -7.92 19.47
C LEU B 246 8.04 -7.81 19.44
N LEU B 247 7.34 -8.94 19.54
CA LEU B 247 5.87 -8.92 19.52
C LEU B 247 5.30 -8.20 20.74
N VAL B 248 5.84 -8.49 21.92
CA VAL B 248 5.34 -7.83 23.12
C VAL B 248 5.61 -6.33 23.03
N GLY B 249 6.81 -5.98 22.58
CA GLY B 249 7.17 -4.58 22.47
C GLY B 249 6.33 -3.82 21.47
N GLY B 250 5.96 -4.47 20.36
CA GLY B 250 5.18 -3.78 19.35
C GLY B 250 3.67 -3.76 19.51
N LEU B 251 3.12 -4.62 20.37
CA LEU B 251 1.68 -4.70 20.55
C LEU B 251 1.11 -4.07 21.81
N ASP B 252 1.96 -3.53 22.67
CA ASP B 252 1.45 -2.98 23.93
C ASP B 252 1.70 -1.51 24.23
N ALA B 253 2.95 -1.16 24.49
CA ALA B 253 3.31 0.21 24.86
C ALA B 253 2.77 1.33 23.96
N VAL B 254 3.00 1.26 22.66
CA VAL B 254 2.53 2.32 21.77
C VAL B 254 1.01 2.41 21.79
N VAL B 255 0.37 1.24 21.76
CA VAL B 255 -1.08 1.16 21.79
C VAL B 255 -1.63 1.94 22.98
N ASN B 256 -1.11 1.64 24.17
CA ASN B 256 -1.58 2.32 25.36
C ASN B 256 -1.13 3.76 25.45
N PHE B 257 0.06 4.07 24.97
CA PHE B 257 0.52 5.44 25.04
C PHE B 257 -0.34 6.36 24.18
N LEU B 258 -0.75 5.86 23.02
CA LEU B 258 -1.59 6.66 22.14
C LEU B 258 -2.87 7.06 22.87
N SER B 259 -3.42 6.14 23.65
CA SER B 259 -4.65 6.44 24.38
C SER B 259 -4.44 7.48 25.47
N PHE B 260 -3.33 7.40 26.20
CA PHE B 260 -3.06 8.39 27.24
C PHE B 260 -2.99 9.77 26.60
N SER B 261 -2.29 9.85 25.47
CA SER B 261 -2.12 11.10 24.76
C SER B 261 -3.41 11.69 24.22
N MET B 262 -4.25 10.86 23.62
CA MET B 262 -5.51 11.35 23.08
C MET B 262 -6.49 11.72 24.18
N GLU B 263 -6.39 11.03 25.32
CA GLU B 263 -7.27 11.34 26.45
C GLU B 263 -6.94 12.75 26.89
N PHE B 264 -5.65 13.04 27.00
CA PHE B 264 -5.21 14.36 27.42
C PHE B 264 -5.66 15.43 26.42
N LEU B 265 -5.44 15.19 25.14
CA LEU B 265 -5.85 16.19 24.15
C LEU B 265 -7.36 16.40 24.16
N ALA B 266 -8.12 15.32 24.38
CA ALA B 266 -9.58 15.43 24.43
C ALA B 266 -10.01 16.31 25.59
N LYS B 267 -9.21 16.33 26.66
CA LYS B 267 -9.52 17.12 27.84
C LYS B 267 -8.85 18.51 27.86
N SER B 268 -8.07 18.84 26.85
CA SER B 268 -7.40 20.14 26.83
C SER B 268 -7.45 20.88 25.50
N PRO B 269 -8.52 21.67 25.29
CA PRO B 269 -8.71 22.45 24.07
C PRO B 269 -7.52 23.34 23.72
N GLU B 270 -6.90 23.94 24.73
CA GLU B 270 -5.77 24.83 24.48
C GLU B 270 -4.59 24.11 23.87
N HIS B 271 -4.37 22.85 24.25
CA HIS B 271 -3.26 22.08 23.69
C HIS B 271 -3.59 21.65 22.27
N ARG B 272 -4.87 21.39 21.99
CA ARG B 272 -5.27 21.00 20.65
C ARG B 272 -5.02 22.22 19.76
N GLN B 273 -5.43 23.39 20.25
CA GLN B 273 -5.26 24.64 19.50
C GLN B 273 -3.81 24.90 19.15
N GLU B 274 -2.92 24.69 20.13
CA GLU B 274 -1.50 24.91 19.92
C GLU B 274 -0.94 24.10 18.76
N LEU B 275 -1.29 22.82 18.69
CA LEU B 275 -0.78 21.96 17.63
C LEU B 275 -1.48 22.20 16.29
N ILE B 276 -2.70 22.70 16.34
CA ILE B 276 -3.43 22.99 15.11
C ILE B 276 -2.84 24.25 14.50
N GLU B 277 -2.53 25.23 15.36
CA GLU B 277 -1.95 26.49 14.91
C GLU B 277 -0.52 26.31 14.44
N ARG B 278 0.25 25.49 15.14
CA ARG B 278 1.64 25.28 14.76
C ARG B 278 1.99 23.80 14.75
N PRO B 279 1.61 23.11 13.67
CA PRO B 279 1.87 21.67 13.51
C PRO B 279 3.34 21.29 13.58
N GLU B 280 4.24 22.25 13.34
CA GLU B 280 5.66 21.92 13.40
C GLU B 280 6.11 21.64 14.85
N ARG B 281 5.23 21.94 15.80
CA ARG B 281 5.54 21.69 17.22
C ARG B 281 5.13 20.28 17.64
N ILE B 282 4.53 19.53 16.73
CA ILE B 282 4.08 18.18 17.10
C ILE B 282 5.20 17.27 17.61
N PRO B 283 6.38 17.28 16.97
CA PRO B 283 7.44 16.40 17.49
C PRO B 283 7.81 16.75 18.93
N ALA B 284 7.91 18.05 19.22
CA ALA B 284 8.25 18.50 20.57
C ALA B 284 7.13 18.11 21.53
N ALA B 285 5.89 18.24 21.06
CA ALA B 285 4.73 17.88 21.87
C ALA B 285 4.76 16.39 22.18
N CYS B 286 5.15 15.60 21.19
CA CYS B 286 5.25 14.15 21.35
C CYS B 286 6.18 13.82 22.52
N GLU B 287 7.34 14.47 22.56
CA GLU B 287 8.31 14.21 23.61
C GLU B 287 7.78 14.59 24.99
N GLU B 288 7.09 15.74 25.07
CA GLU B 288 6.53 16.17 26.35
C GLU B 288 5.45 15.20 26.80
N LEU B 289 4.67 14.69 25.86
CA LEU B 289 3.63 13.73 26.20
C LEU B 289 4.25 12.41 26.64
N LEU B 290 5.36 12.04 26.03
CA LEU B 290 6.05 10.80 26.41
C LEU B 290 6.55 10.92 27.85
N ARG B 291 6.86 12.14 28.28
CA ARG B 291 7.33 12.37 29.64
C ARG B 291 6.16 12.32 30.62
N ARG B 292 5.17 13.17 30.38
CA ARG B 292 4.00 13.25 31.25
C ARG B 292 3.18 11.96 31.34
N PHE B 293 3.07 11.25 30.23
CA PHE B 293 2.28 10.02 30.23
C PHE B 293 3.11 8.76 30.05
N SER B 294 4.32 8.80 30.59
CA SER B 294 5.25 7.68 30.56
C SER B 294 4.47 6.51 31.17
N LEU B 295 4.72 5.29 30.72
CA LEU B 295 3.91 4.18 31.18
C LEU B 295 4.57 2.84 31.51
N VAL B 296 5.89 2.74 31.37
CA VAL B 296 6.56 1.47 31.64
C VAL B 296 7.29 1.43 32.98
N ALA B 297 7.35 0.23 33.56
CA ALA B 297 8.02 0.03 34.82
C ALA B 297 8.44 -1.42 35.03
N ASP B 298 9.72 -1.72 34.76
CA ASP B 298 10.22 -3.06 35.00
C ASP B 298 11.44 -2.86 35.89
N GLY B 299 12.31 -3.85 36.01
CA GLY B 299 13.45 -3.64 36.89
C GLY B 299 14.65 -4.55 36.73
N ARG B 300 15.40 -4.70 37.82
CA ARG B 300 16.61 -5.51 37.81
C ARG B 300 16.74 -6.36 39.08
N ILE B 301 17.82 -7.13 39.16
CA ILE B 301 18.06 -7.98 40.32
C ILE B 301 19.51 -7.79 40.76
N LEU B 302 19.73 -7.73 42.08
CA LEU B 302 21.08 -7.56 42.60
C LEU B 302 21.97 -8.77 42.37
N THR B 303 23.15 -8.53 41.80
CA THR B 303 24.09 -9.60 41.50
C THR B 303 24.92 -9.95 42.73
N SER B 304 24.75 -9.17 43.80
CA SER B 304 25.48 -9.37 45.05
C SER B 304 25.12 -8.29 46.05
N ASP B 305 25.50 -8.47 47.30
CA ASP B 305 25.20 -7.47 48.33
C ASP B 305 25.82 -6.16 47.90
N TYR B 306 25.06 -5.07 48.03
CA TYR B 306 25.53 -3.77 47.60
C TYR B 306 24.80 -2.65 48.35
N GLU B 307 25.55 -1.65 48.80
CA GLU B 307 24.95 -0.53 49.51
C GLU B 307 24.67 0.57 48.49
N PHE B 308 23.39 0.81 48.23
CA PHE B 308 22.96 1.81 47.27
C PHE B 308 22.31 3.00 47.97
N HIS B 309 22.94 4.17 47.84
CA HIS B 309 22.44 5.39 48.47
C HIS B 309 22.07 5.19 49.94
N GLY B 310 23.00 4.65 50.70
CA GLY B 310 22.76 4.44 52.13
C GLY B 310 21.88 3.25 52.48
N VAL B 311 21.36 2.56 51.48
CA VAL B 311 20.49 1.41 51.73
C VAL B 311 21.22 0.11 51.43
N GLN B 312 21.15 -0.85 52.36
CA GLN B 312 21.82 -2.13 52.18
C GLN B 312 20.99 -3.09 51.35
N LEU B 313 21.47 -3.36 50.13
CA LEU B 313 20.77 -4.29 49.24
C LEU B 313 21.50 -5.62 49.27
N LYS B 314 20.75 -6.71 49.23
CA LYS B 314 21.35 -8.04 49.25
C LYS B 314 21.16 -8.79 47.95
N LYS B 315 22.14 -9.64 47.62
CA LYS B 315 22.09 -10.44 46.40
C LYS B 315 20.75 -11.15 46.29
N GLY B 316 20.16 -11.11 45.09
CA GLY B 316 18.89 -11.77 44.86
C GLY B 316 17.70 -10.83 45.03
N ASP B 317 17.94 -9.68 45.67
CA ASP B 317 16.88 -8.71 45.88
C ASP B 317 16.42 -8.18 44.53
N GLN B 318 15.10 -8.00 44.39
CA GLN B 318 14.55 -7.46 43.15
C GLN B 318 14.32 -5.98 43.39
N ILE B 319 14.59 -5.17 42.37
CA ILE B 319 14.37 -3.74 42.50
C ILE B 319 13.68 -3.20 41.25
N LEU B 320 12.51 -2.63 41.47
CA LEU B 320 11.73 -2.04 40.38
C LEU B 320 12.30 -0.64 40.18
N LEU B 321 12.63 -0.30 38.94
CA LEU B 321 13.16 1.00 38.60
C LEU B 321 12.19 1.56 37.57
N PRO B 322 11.08 2.14 38.03
CA PRO B 322 10.02 2.71 37.18
C PRO B 322 10.49 3.75 36.17
N GLN B 323 10.55 3.35 34.90
CA GLN B 323 10.96 4.28 33.86
C GLN B 323 9.99 5.47 33.88
N MET B 324 8.73 5.18 34.23
CA MET B 324 7.68 6.18 34.30
C MET B 324 7.99 7.33 35.27
N LEU B 325 8.61 7.02 36.40
CA LEU B 325 8.90 8.01 37.43
C LEU B 325 9.95 9.09 37.18
N SER B 326 10.99 8.78 36.41
CA SER B 326 12.06 9.75 36.16
C SER B 326 11.57 11.12 35.68
N GLY B 327 10.74 11.12 34.65
CA GLY B 327 10.24 12.38 34.12
C GLY B 327 9.19 13.07 34.96
N LEU B 328 8.60 12.36 35.91
CA LEU B 328 7.58 12.93 36.78
C LEU B 328 8.22 13.50 38.04
N ASP B 329 9.52 13.25 38.21
CA ASP B 329 10.28 13.72 39.36
C ASP B 329 10.47 15.24 39.27
N GLU B 330 9.91 15.97 40.23
CA GLU B 330 10.02 17.43 40.23
C GLU B 330 11.47 17.91 40.28
N ARG B 331 12.37 17.06 40.77
CA ARG B 331 13.79 17.41 40.85
C ARG B 331 14.40 17.37 39.45
N GLU B 332 13.67 16.79 38.51
CA GLU B 332 14.14 16.67 37.13
C GLU B 332 13.37 17.62 36.22
N ASN B 333 12.10 17.83 36.52
CA ASN B 333 11.24 18.72 35.73
C ASN B 333 10.32 19.53 36.64
N ALA B 334 10.45 20.85 36.60
CA ALA B 334 9.60 21.71 37.41
C ALA B 334 8.16 21.55 36.94
N ALA B 335 7.21 21.55 37.88
CA ALA B 335 5.80 21.38 37.56
C ALA B 335 5.66 20.17 36.64
N PRO B 336 6.14 19.00 37.10
CA PRO B 336 6.11 17.74 36.34
C PRO B 336 4.74 17.28 35.83
N MET B 337 3.67 17.51 36.58
CA MET B 337 2.36 17.07 36.13
C MET B 337 1.73 18.02 35.11
N HIS B 338 2.40 19.14 34.87
CA HIS B 338 1.94 20.13 33.91
C HIS B 338 2.49 19.82 32.52
N VAL B 339 1.62 19.82 31.52
CA VAL B 339 2.04 19.56 30.14
C VAL B 339 2.39 20.88 29.47
N ASP B 340 3.66 21.04 29.14
CA ASP B 340 4.16 22.26 28.50
C ASP B 340 4.90 21.86 27.23
N PHE B 341 4.29 22.09 26.08
CA PHE B 341 4.92 21.74 24.81
C PHE B 341 6.20 22.54 24.55
N SER B 342 6.38 23.64 25.26
CA SER B 342 7.57 24.47 25.08
C SER B 342 8.62 24.20 26.15
N ARG B 343 8.40 23.17 26.96
CA ARG B 343 9.34 22.81 28.02
C ARG B 343 10.75 22.79 27.43
N GLN B 344 11.65 23.55 28.05
CA GLN B 344 13.04 23.65 27.58
C GLN B 344 13.82 22.35 27.61
N LYS B 345 13.87 21.72 28.77
CA LYS B 345 14.61 20.47 28.93
C LYS B 345 13.68 19.34 29.37
N VAL B 346 13.11 18.63 28.39
CA VAL B 346 12.20 17.53 28.68
C VAL B 346 13.01 16.31 29.12
N SER B 347 13.18 16.17 30.43
CA SER B 347 13.94 15.07 30.99
C SER B 347 13.04 13.86 31.29
N HIS B 348 13.45 12.68 30.83
CA HIS B 348 12.68 11.47 31.06
C HIS B 348 13.47 10.23 30.71
N THR B 349 12.95 9.07 31.10
CA THR B 349 13.54 7.76 30.80
C THR B 349 12.40 6.89 30.32
N THR B 350 11.48 7.50 29.58
CA THR B 350 10.30 6.80 29.09
C THR B 350 10.67 5.60 28.21
N PHE B 351 11.72 5.74 27.42
CA PHE B 351 12.17 4.65 26.57
C PHE B 351 13.32 3.87 27.22
N GLY B 352 13.37 3.93 28.54
CA GLY B 352 14.41 3.22 29.26
C GLY B 352 15.66 4.06 29.48
N HIS B 353 16.72 3.41 29.96
CA HIS B 353 17.97 4.08 30.24
C HIS B 353 19.09 3.06 30.26
N GLY B 354 20.26 3.44 29.78
CA GLY B 354 21.38 2.50 29.77
C GLY B 354 21.47 1.69 28.49
N SER B 355 22.11 0.52 28.59
CA SER B 355 22.30 -0.36 27.45
C SER B 355 21.03 -0.97 26.86
N HIS B 356 19.91 -0.88 27.59
CA HIS B 356 18.67 -1.46 27.11
C HIS B 356 17.69 -0.45 26.52
N LEU B 357 18.18 0.74 26.17
CA LEU B 357 17.33 1.77 25.59
C LEU B 357 16.44 1.16 24.50
N CYS B 358 15.16 1.49 24.55
CA CYS B 358 14.18 0.97 23.59
C CYS B 358 14.63 0.99 22.13
N LEU B 359 14.58 -0.16 21.48
CA LEU B 359 14.96 -0.26 20.08
C LEU B 359 13.80 0.14 19.17
N GLY B 360 12.59 0.13 19.72
CA GLY B 360 11.44 0.51 18.89
C GLY B 360 10.99 1.94 19.06
N GLN B 361 11.79 2.75 19.76
CA GLN B 361 11.41 4.14 20.01
C GLN B 361 11.25 4.98 18.75
N HIS B 362 12.00 4.67 17.71
CA HIS B 362 11.89 5.45 16.47
C HIS B 362 10.58 5.13 15.76
N LEU B 363 10.18 3.86 15.80
CA LEU B 363 8.92 3.45 15.20
C LEU B 363 7.79 4.05 16.05
N ALA B 364 7.98 4.03 17.36
CA ALA B 364 6.99 4.56 18.28
C ALA B 364 6.74 6.06 18.05
N ARG B 365 7.81 6.84 17.97
CA ARG B 365 7.68 8.28 17.74
C ARG B 365 7.01 8.57 16.41
N ARG B 366 7.36 7.81 15.38
CA ARG B 366 6.76 8.04 14.07
C ARG B 366 5.25 7.80 14.15
N GLU B 367 4.86 6.73 14.82
CA GLU B 367 3.45 6.40 14.97
C GLU B 367 2.69 7.45 15.79
N ILE B 368 3.34 7.95 16.83
CA ILE B 368 2.73 8.98 17.67
C ILE B 368 2.55 10.28 16.89
N ILE B 369 3.64 10.74 16.27
CA ILE B 369 3.64 11.98 15.51
C ILE B 369 2.67 11.94 14.33
N VAL B 370 2.65 10.82 13.61
CA VAL B 370 1.73 10.67 12.50
C VAL B 370 0.29 10.71 13.01
N THR B 371 0.05 10.05 14.14
CA THR B 371 -1.31 10.04 14.70
C THR B 371 -1.78 11.45 15.08
N LEU B 372 -0.95 12.19 15.81
CA LEU B 372 -1.33 13.54 16.21
C LEU B 372 -1.59 14.45 15.02
N LYS B 373 -0.68 14.44 14.04
CA LYS B 373 -0.84 15.30 12.88
C LYS B 373 -2.06 14.94 12.03
N GLU B 374 -2.22 13.66 11.73
CA GLU B 374 -3.34 13.24 10.88
C GLU B 374 -4.69 13.28 11.58
N TRP B 375 -4.69 13.13 12.91
CA TRP B 375 -5.95 13.21 13.62
C TRP B 375 -6.42 14.66 13.70
N LEU B 376 -5.54 15.55 14.14
CA LEU B 376 -5.90 16.96 14.27
C LEU B 376 -6.23 17.62 12.94
N THR B 377 -5.69 17.07 11.85
CA THR B 377 -5.95 17.60 10.52
C THR B 377 -7.40 17.33 10.09
N ARG B 378 -7.95 16.19 10.52
CA ARG B 378 -9.31 15.80 10.14
C ARG B 378 -10.35 16.01 11.22
N ILE B 379 -9.95 15.82 12.48
CA ILE B 379 -10.85 15.97 13.62
C ILE B 379 -10.16 16.91 14.61
N PRO B 380 -10.10 18.20 14.28
CA PRO B 380 -9.46 19.21 15.14
C PRO B 380 -10.08 19.36 16.52
N ASP B 381 -11.39 19.19 16.60
CA ASP B 381 -12.10 19.34 17.87
C ASP B 381 -12.78 18.04 18.30
N PHE B 382 -12.50 17.63 19.53
CA PHE B 382 -13.11 16.41 20.07
C PHE B 382 -13.05 16.48 21.58
N SER B 383 -13.90 15.69 22.23
CA SER B 383 -13.96 15.67 23.69
C SER B 383 -14.25 14.27 24.21
N ILE B 384 -14.13 14.10 25.52
CA ILE B 384 -14.43 12.82 26.16
C ILE B 384 -15.95 12.75 26.13
N ALA B 385 -16.50 11.57 25.86
CA ALA B 385 -17.94 11.41 25.81
C ALA B 385 -18.52 11.91 27.12
N PRO B 386 -19.66 12.63 27.05
CA PRO B 386 -20.25 13.14 28.29
C PRO B 386 -20.61 12.05 29.30
N GLY B 387 -20.26 12.29 30.56
CA GLY B 387 -20.55 11.34 31.61
C GLY B 387 -19.56 10.20 31.74
N ALA B 388 -18.62 10.11 30.80
CA ALA B 388 -17.62 9.05 30.83
C ALA B 388 -16.53 9.30 31.86
N GLN B 389 -16.10 8.23 32.51
CA GLN B 389 -15.03 8.29 33.50
C GLN B 389 -13.94 7.36 33.01
N ILE B 390 -12.84 7.94 32.54
CA ILE B 390 -11.73 7.16 32.01
C ILE B 390 -11.01 6.34 33.08
N GLN B 391 -10.98 5.03 32.90
CA GLN B 391 -10.34 4.11 33.83
C GLN B 391 -8.98 3.63 33.31
N HIS B 392 -7.96 3.72 34.16
CA HIS B 392 -6.62 3.27 33.79
C HIS B 392 -6.31 1.93 34.44
N LYS B 393 -5.25 1.28 33.98
CA LYS B 393 -4.81 0.00 34.51
C LYS B 393 -3.31 0.12 34.73
N SER B 394 -2.81 -0.53 35.78
CA SER B 394 -1.39 -0.48 36.11
C SER B 394 -0.70 -1.84 35.99
N GLY B 395 0.58 -1.82 35.64
CA GLY B 395 1.35 -3.04 35.50
C GLY B 395 2.73 -2.73 34.96
N ILE B 396 3.35 -3.72 34.31
CA ILE B 396 4.67 -3.52 33.72
C ILE B 396 4.54 -2.38 32.72
N VAL B 397 3.40 -2.37 32.02
CA VAL B 397 3.06 -1.32 31.07
C VAL B 397 1.66 -0.91 31.49
N SER B 398 1.48 0.35 31.87
CA SER B 398 0.16 0.81 32.29
C SER B 398 -0.67 1.16 31.07
N GLY B 399 -1.99 1.24 31.23
CA GLY B 399 -2.82 1.56 30.09
C GLY B 399 -4.18 2.17 30.37
N VAL B 400 -4.93 2.38 29.29
CA VAL B 400 -6.27 2.96 29.35
C VAL B 400 -7.26 1.87 28.97
N GLN B 401 -8.22 1.60 29.85
CA GLN B 401 -9.22 0.56 29.61
C GLN B 401 -10.13 0.86 28.40
N ALA B 402 -10.59 2.10 28.32
CA ALA B 402 -11.46 2.51 27.22
C ALA B 402 -11.43 4.03 27.12
N LEU B 403 -11.63 4.55 25.91
CA LEU B 403 -11.62 5.99 25.72
C LEU B 403 -12.69 6.44 24.73
N PRO B 404 -13.93 6.66 25.21
CA PRO B 404 -15.01 7.10 24.33
C PRO B 404 -14.85 8.58 23.99
N LEU B 405 -14.76 8.88 22.71
CA LEU B 405 -14.61 10.25 22.25
C LEU B 405 -15.81 10.66 21.41
N VAL B 406 -16.09 11.96 21.41
CA VAL B 406 -17.19 12.51 20.63
C VAL B 406 -16.74 13.80 19.96
N TRP B 407 -17.39 14.16 18.87
CA TRP B 407 -17.10 15.37 18.14
C TRP B 407 -18.22 15.66 17.16
N ASP B 408 -18.28 16.90 16.70
CA ASP B 408 -19.32 17.30 15.74
C ASP B 408 -18.77 17.11 14.32
N PRO B 409 -19.38 16.20 13.54
CA PRO B 409 -18.90 15.99 12.18
C PRO B 409 -18.82 17.26 11.34
N ALA B 410 -19.67 18.23 11.65
CA ALA B 410 -19.67 19.48 10.89
C ALA B 410 -18.38 20.27 11.02
N THR B 411 -17.60 19.99 12.06
CA THR B 411 -16.34 20.69 12.29
C THR B 411 -15.13 19.92 11.76
N THR B 412 -15.37 18.80 11.11
CA THR B 412 -14.28 17.99 10.58
C THR B 412 -14.02 18.28 9.10
N LYS B 413 -12.96 17.68 8.57
CA LYS B 413 -12.64 17.86 7.16
C LYS B 413 -11.93 16.65 6.60
N ALA B 414 -12.36 16.23 5.42
CA ALA B 414 -11.77 15.09 4.75
C ALA B 414 -10.59 15.59 3.92
N VAL B 415 -9.51 14.82 3.92
CA VAL B 415 -8.32 15.19 3.14
C VAL B 415 -8.27 14.32 1.88
K K C . 4.39 -16.88 -24.43
K K D . 7.54 -11.73 1.56
CHA HEM E . 1.16 -2.61 -30.40
CHB HEM E . -1.91 0.58 -28.40
CHC HEM E . -4.55 0.68 -32.51
CHD HEM E . -1.62 -2.73 -34.37
C1A HEM E . 0.55 -1.75 -29.48
C2A HEM E . 1.06 -1.46 -28.14
C3A HEM E . 0.16 -0.59 -27.58
C4A HEM E . -0.85 -0.30 -28.57
CMA HEM E . 0.25 -0.06 -26.15
CAA HEM E . 2.33 -2.03 -27.49
CBA HEM E . 2.08 -3.35 -26.74
CGA HEM E . 3.36 -3.91 -26.09
O1A HEM E . 3.31 -5.06 -25.60
O2A HEM E . 4.39 -3.21 -26.06
C1B HEM E . -2.89 0.89 -29.36
C2B HEM E . -3.92 1.90 -29.15
C3B HEM E . -4.65 1.97 -30.31
C4B HEM E . -4.07 0.98 -31.22
CMB HEM E . -4.07 2.74 -27.89
CAB HEM E . -5.80 2.72 -30.62
CBB HEM E . -6.22 3.88 -30.05
C1C HEM E . -3.98 -0.26 -33.37
C2C HEM E . -4.51 -0.60 -34.68
C3C HEM E . -3.75 -1.60 -35.17
C4C HEM E . -2.70 -1.85 -34.19
CMC HEM E . -5.69 0.07 -35.38
CAC HEM E . -3.94 -2.17 -36.43
CBC HEM E . -4.01 -3.52 -36.66
C1D HEM E . -0.60 -2.96 -33.47
C2D HEM E . 0.49 -3.89 -33.70
C3D HEM E . 1.27 -3.84 -32.61
C4D HEM E . 0.67 -2.88 -31.69
CMD HEM E . 0.62 -4.79 -34.94
CAD HEM E . 2.46 -4.72 -32.25
CBD HEM E . 3.81 -4.06 -32.51
CGD HEM E . 4.99 -4.85 -31.96
O1D HEM E . 6.14 -4.57 -32.38
O2D HEM E . 4.76 -5.76 -31.13
NA HEM E . -0.63 -1.01 -29.75
NB HEM E . -2.98 0.35 -30.64
NC HEM E . -2.84 -1.03 -33.07
ND HEM E . -0.49 -2.34 -32.21
FE HEM E . -1.67 -0.93 -31.46
O1 OXY F . -2.89 -2.12 -30.77
O2 OXY F . -4.16 -2.30 -30.68
C1 CAM G . -2.96 -6.06 -28.01
C2 CAM G . -1.75 -7.05 -28.00
O CAM G . -1.81 -8.25 -27.74
C3 CAM G . -0.49 -6.27 -28.36
C4 CAM G . -1.26 -4.87 -28.53
C5 CAM G . -2.06 -4.93 -29.94
C6 CAM G . -3.32 -5.83 -29.56
C7 CAM G . -2.34 -4.76 -27.48
C8 CAM G . -1.84 -4.78 -25.95
C9 CAM G . -3.17 -3.43 -27.62
C10 CAM G . -4.20 -6.51 -27.20
K K H . 15.26 -15.07 33.98
CHA HEM I . 12.98 -1.94 25.45
CHB HEM I . 9.63 1.45 26.38
CHC HEM I . 7.69 0.83 21.94
CHD HEM I . 10.85 -2.82 21.15
C1A HEM I . 12.24 -0.94 26.08
C2A HEM I . 12.50 -0.46 27.43
C3A HEM I . 11.54 0.45 27.68
C4A HEM I . 10.69 0.56 26.50
CMA HEM I . 11.39 1.24 28.97
CAA HEM I . 13.64 -0.86 28.38
CBA HEM I . 13.28 -2.07 29.24
CGA HEM I . 14.39 -2.49 30.19
O1A HEM I . 14.21 -3.52 30.88
O2A HEM I . 15.43 -1.80 30.26
C1B HEM I . 8.84 1.59 25.23
C2B HEM I . 7.78 2.57 25.11
C3B HEM I . 7.26 2.44 23.85
C4B HEM I . 7.98 1.35 23.22
CMB HEM I . 7.42 3.63 26.16
CAB HEM I . 6.20 3.13 23.26
CBB HEM I . 5.79 4.41 23.48
C1C HEM I . 8.38 -0.23 21.35
C2C HEM I . 8.07 -0.76 20.04
C3C HEM I . 8.88 -1.85 19.85
C4C HEM I . 9.74 -1.94 21.01
CMC HEM I . 7.05 -0.19 19.06
CAC HEM I . 8.83 -2.66 18.70
CBC HEM I . 8.79 -4.02 18.70
C1D HEM I . 11.75 -2.83 22.23
C2D HEM I . 12.88 -3.75 22.33
C3D HEM I . 13.44 -3.52 23.56
C4D HEM I . 12.71 -2.45 24.17
CMD HEM I . 13.32 -4.80 21.31
CAD HEM I . 14.58 -4.30 24.21
CBD HEM I . 15.93 -3.66 24.01
CGD HEM I . 17.01 -4.29 24.88
O1D HEM I . 18.20 -4.06 24.61
O2D HEM I . 16.65 -5.00 25.85
NA HEM I . 11.12 -0.30 25.51
NB HEM I . 8.98 0.85 24.06
NC HEM I . 9.44 -0.93 21.94
ND HEM I . 11.66 -2.01 23.35
FE HEM I . 10.36 -0.51 23.67
O1 OXY J . 9.11 -1.59 24.38
O2 OXY J . 7.86 -1.80 24.30
C1 CAM K . 8.46 -5.06 27.58
C2 CAM K . 9.63 -6.02 27.97
O CAM K . 9.49 -7.17 28.40
C3 CAM K . 10.95 -5.28 27.74
C4 CAM K . 10.24 -3.95 27.19
C5 CAM K . 9.71 -4.24 25.69
C6 CAM K . 8.39 -5.08 25.97
C7 CAM K . 8.99 -3.68 28.01
C8 CAM K . 9.20 -3.44 29.58
C9 CAM K . 8.23 -2.41 27.51
C10 CAM K . 7.08 -5.40 28.18
C TRS L . -10.40 24.15 19.20
C1 TRS L . -9.55 23.03 18.53
C2 TRS L . -9.91 24.13 20.68
C3 TRS L . -10.09 25.58 18.83
N TRS L . -11.83 23.70 19.17
O1 TRS L . -10.02 21.70 19.04
O2 TRS L . -10.91 24.92 21.48
O3 TRS L . -8.59 25.72 18.56
#